data_9DRY
#
_entry.id   9DRY
#
loop_
_entity.id
_entity.type
_entity.pdbx_description
1 polymer 'E3 ubiquitin-protein ligase CHIP'
2 polymer '2F1 Fab heavy chain'
3 polymer '2F1 Fab light chain'
#
loop_
_entity_poly.entity_id
_entity_poly.type
_entity_poly.pdbx_seq_one_letter_code
_entity_poly.pdbx_strand_id
1 'polypeptide(L)' DIPDYLCGKISFELMREPCITPSGITYDRKDIEEHLQRVGHFDPVTRSPLTQEQLIPNLAMKEVIDAFISENGWV A,B
2 'polypeptide(L)'
;QVQLQQWGAGLLKPSETLSLTCAVYGGSFSGYYWSWIRQPPGKGLEWIGEINHSGSTNYNPSLKSRVTISVDTSKNQFSL
KLSSVTAADTAVYYCARGGVGRVRGDSMDVWGQGTTVTVSSASTKGPSVFPLAPSSKSTSGGTAALGCLVKDYFPEPVTV
SWNSGALTSGVHTFPAVLQSSGLYSLSSVVTVPSSSLGTQTYICNVNHKPSNTKVDKKVEPK
;
E,G
3 'polypeptide(L)'
;PVLTQPPSVSKALRQTATLTCTGDSNNVGNRGAAWFLLHQGHPPKLLAYRNNDRPSGISERLSASRSGNTASLTITGLQP
EDEADYYCSAWDSSLRVQVFGGGTKLTVLGQPKAAPSVTLFPPSSEELQANKATLVCLISDFYPGAVTVAWKADSSPVKA
GVETTTPSKQSNNKYAASSYLSLTPEQWKSHKSYSCQVTHEGSTVEKTVAPTECS
;
F,H
#
# COMPACT_ATOMS: atom_id res chain seq x y z
N ASP A 1 11.70 -22.68 -0.46
CA ASP A 1 11.81 -21.60 -1.44
C ASP A 1 11.54 -20.23 -0.82
N ILE A 2 11.63 -19.16 -1.61
CA ILE A 2 11.22 -17.82 -1.19
C ILE A 2 9.66 -17.76 -1.23
N PRO A 3 8.98 -17.31 -0.16
CA PRO A 3 7.51 -17.15 -0.12
C PRO A 3 6.81 -16.31 -1.19
N ASP A 4 5.56 -16.67 -1.49
CA ASP A 4 4.71 -15.98 -2.47
C ASP A 4 4.49 -14.52 -2.08
N TYR A 5 4.33 -14.24 -0.79
CA TYR A 5 4.06 -12.90 -0.32
C TYR A 5 5.29 -11.99 -0.30
N LEU A 6 6.50 -12.50 -0.59
CA LEU A 6 7.67 -11.64 -0.78
C LEU A 6 7.97 -11.33 -2.25
N CYS A 7 7.13 -11.81 -3.18
CA CYS A 7 7.39 -11.74 -4.62
C CYS A 7 6.35 -10.88 -5.35
N GLY A 8 6.77 -10.31 -6.49
CA GLY A 8 5.92 -9.53 -7.38
C GLY A 8 5.11 -10.41 -8.35
N LYS A 9 4.31 -9.77 -9.22
CA LYS A 9 3.50 -10.43 -10.25
C LYS A 9 3.75 -9.89 -11.67
N ILE A 10 4.97 -9.37 -11.91
CA ILE A 10 5.49 -9.05 -13.27
C ILE A 10 6.72 -9.90 -13.64
N SER A 11 7.77 -9.89 -12.83
CA SER A 11 8.94 -10.78 -12.91
C SER A 11 8.80 -12.04 -12.05
N PHE A 12 7.74 -12.13 -11.23
CA PHE A 12 7.44 -13.28 -10.37
C PHE A 12 8.64 -13.76 -9.55
N GLU A 13 9.32 -12.81 -8.90
CA GLU A 13 10.48 -13.09 -8.05
C GLU A 13 10.57 -12.11 -6.87
N LEU A 14 11.55 -12.29 -5.98
CA LEU A 14 11.70 -11.53 -4.73
C LEU A 14 11.73 -10.01 -4.96
N MET A 15 10.89 -9.28 -4.24
CA MET A 15 10.91 -7.83 -4.27
C MET A 15 11.94 -7.31 -3.27
N ARG A 16 12.54 -6.18 -3.56
CA ARG A 16 13.48 -5.50 -2.67
C ARG A 16 13.01 -4.10 -2.33
N GLU A 17 12.34 -3.42 -3.25
CA GLU A 17 11.89 -2.02 -3.12
C GLU A 17 10.40 -1.83 -3.54
N PRO A 18 9.40 -2.37 -2.82
CA PRO A 18 7.99 -2.37 -3.23
C PRO A 18 7.21 -1.06 -3.18
N CYS A 19 6.31 -0.97 -4.15
CA CYS A 19 5.25 0.02 -4.27
C CYS A 19 3.92 -0.67 -4.59
N ILE A 20 2.83 -0.10 -4.09
CA ILE A 20 1.52 -0.72 -4.11
C ILE A 20 0.51 0.15 -4.87
N THR A 21 -0.29 -0.50 -5.70
CA THR A 21 -1.28 0.14 -6.56
C THR A 21 -2.57 0.53 -5.87
N PRO A 22 -3.41 1.33 -6.53
CA PRO A 22 -4.81 1.63 -6.20
C PRO A 22 -5.72 0.41 -5.95
N SER A 23 -5.41 -0.73 -6.55
CA SER A 23 -6.09 -2.01 -6.41
C SER A 23 -5.54 -2.84 -5.25
N GLY A 24 -4.45 -2.38 -4.60
CA GLY A 24 -3.88 -3.05 -3.43
C GLY A 24 -2.84 -4.13 -3.76
N ILE A 25 -2.41 -4.22 -5.01
CA ILE A 25 -1.45 -5.21 -5.48
C ILE A 25 -0.06 -4.59 -5.48
N THR A 26 0.93 -5.30 -4.93
CA THR A 26 2.29 -4.75 -4.75
C THR A 26 3.26 -5.26 -5.81
N TYR A 27 4.08 -4.36 -6.36
CA TYR A 27 5.17 -4.66 -7.29
C TYR A 27 6.47 -3.99 -6.81
N ASP A 28 7.62 -4.54 -7.20
CA ASP A 28 8.91 -3.89 -6.96
C ASP A 28 9.10 -2.65 -7.84
N ARG A 29 9.35 -1.46 -7.25
CA ARG A 29 9.35 -0.19 -7.99
C ARG A 29 10.17 -0.26 -9.27
N LYS A 30 11.44 -0.68 -9.20
CA LYS A 30 12.38 -0.27 -10.24
C LYS A 30 12.01 -0.84 -11.60
N ASP A 31 11.37 -2.00 -11.62
CA ASP A 31 10.80 -2.57 -12.83
C ASP A 31 9.39 -2.05 -13.12
N ILE A 32 8.46 -2.11 -12.16
CA ILE A 32 7.06 -1.79 -12.45
C ILE A 32 6.86 -0.33 -12.86
N GLU A 33 7.64 0.57 -12.26
CA GLU A 33 7.78 1.98 -12.57
C GLU A 33 8.10 2.17 -14.05
N GLU A 34 9.11 1.49 -14.61
CA GLU A 34 9.36 1.63 -16.05
C GLU A 34 8.33 0.82 -16.86
N HIS A 35 7.70 -0.21 -16.30
CA HIS A 35 6.70 -0.98 -17.03
C HIS A 35 5.46 -0.13 -17.35
N LEU A 36 4.99 0.69 -16.41
CA LEU A 36 3.89 1.61 -16.69
C LEU A 36 4.26 2.55 -17.85
N GLN A 37 5.54 2.70 -18.19
CA GLN A 37 5.95 3.58 -19.29
C GLN A 37 6.29 2.81 -20.57
N ARG A 38 7.00 1.69 -20.42
CA ARG A 38 7.54 0.84 -21.49
C ARG A 38 6.63 -0.31 -21.86
N VAL A 39 5.49 -0.42 -21.20
CA VAL A 39 4.42 -1.37 -21.52
C VAL A 39 3.09 -0.65 -21.64
N GLY A 40 2.89 0.38 -20.82
CA GLY A 40 1.77 1.32 -20.87
C GLY A 40 1.05 1.52 -19.54
N HIS A 41 0.25 2.59 -19.45
CA HIS A 41 -0.41 3.05 -18.22
C HIS A 41 -1.61 2.18 -17.79
N PHE A 42 -1.36 0.91 -17.43
CA PHE A 42 -2.35 -0.02 -16.88
C PHE A 42 -1.77 -1.05 -15.88
N ASP A 43 -2.62 -1.60 -15.05
CA ASP A 43 -2.33 -2.58 -14.02
C ASP A 43 -2.03 -3.94 -14.62
N PRO A 44 -0.86 -4.56 -14.36
CA PRO A 44 -0.53 -5.91 -14.83
C PRO A 44 -1.59 -7.00 -14.69
N VAL A 45 -2.32 -7.03 -13.57
CA VAL A 45 -3.24 -8.14 -13.25
C VAL A 45 -4.68 -7.83 -13.63
N THR A 46 -5.21 -6.64 -13.31
CA THR A 46 -6.59 -6.23 -13.59
C THR A 46 -6.72 -5.41 -14.88
N ARG A 47 -5.61 -4.92 -15.45
CA ARG A 47 -5.56 -4.12 -16.70
C ARG A 47 -6.28 -2.77 -16.69
N SER A 48 -6.70 -2.25 -15.54
CA SER A 48 -7.32 -0.93 -15.48
C SER A 48 -6.26 0.19 -15.62
N PRO A 49 -6.62 1.42 -15.99
CA PRO A 49 -5.65 2.48 -16.13
C PRO A 49 -4.85 2.69 -14.83
N LEU A 50 -3.53 2.90 -14.95
CA LEU A 50 -2.61 3.07 -13.83
C LEU A 50 -1.34 3.87 -14.20
N THR A 51 -1.03 4.94 -13.46
CA THR A 51 0.17 5.77 -13.70
C THR A 51 1.06 5.94 -12.48
N GLN A 52 2.20 6.58 -12.71
CA GLN A 52 3.25 6.97 -11.77
C GLN A 52 2.85 7.93 -10.65
N GLU A 53 1.77 8.69 -10.82
CA GLU A 53 1.19 9.52 -9.76
C GLU A 53 0.30 8.71 -8.80
N GLN A 54 -0.07 7.49 -9.18
CA GLN A 54 -0.99 6.67 -8.39
C GLN A 54 -0.33 5.54 -7.59
N LEU A 55 0.84 5.10 -8.05
CA LEU A 55 1.56 3.98 -7.50
C LEU A 55 2.42 4.53 -6.36
N ILE A 56 2.33 3.95 -5.19
CA ILE A 56 2.99 4.54 -4.03
C ILE A 56 3.84 3.52 -3.30
N PRO A 57 4.86 3.93 -2.53
CA PRO A 57 5.65 3.00 -1.72
C PRO A 57 4.83 2.20 -0.70
N ASN A 58 5.17 0.92 -0.52
CA ASN A 58 4.55 0.06 0.50
C ASN A 58 5.48 -0.14 1.70
N LEU A 59 5.43 0.75 2.69
CA LEU A 59 6.41 0.78 3.78
C LEU A 59 6.34 -0.48 4.66
N ALA A 60 5.14 -1.00 4.85
CA ALA A 60 4.91 -2.18 5.65
C ALA A 60 5.59 -3.40 5.03
N MET A 61 5.46 -3.55 3.71
CA MET A 61 6.15 -4.65 3.05
C MET A 61 7.66 -4.42 3.03
N LYS A 62 8.12 -3.18 2.93
CA LYS A 62 9.55 -2.86 2.99
C LYS A 62 10.14 -3.38 4.30
N GLU A 63 9.46 -3.16 5.42
CA GLU A 63 9.91 -3.72 6.70
C GLU A 63 9.87 -5.25 6.68
N VAL A 64 8.84 -5.86 6.09
CA VAL A 64 8.77 -7.33 6.00
C VAL A 64 9.93 -7.91 5.20
N ILE A 65 10.30 -7.30 4.09
CA ILE A 65 11.42 -7.78 3.28
C ILE A 65 12.70 -7.66 4.08
N ASP A 66 12.89 -6.53 4.75
CA ASP A 66 14.08 -6.32 5.56
C ASP A 66 14.20 -7.42 6.63
N ALA A 67 13.06 -7.89 7.15
CA ALA A 67 12.98 -8.96 8.14
C ALA A 67 13.60 -10.28 7.67
N PHE A 68 13.71 -10.48 6.36
CA PHE A 68 14.35 -11.64 5.78
C PHE A 68 15.72 -11.31 5.21
N ILE A 69 15.93 -10.16 4.57
CA ILE A 69 17.24 -9.82 3.95
C ILE A 69 18.34 -9.77 5.02
N SER A 70 18.00 -9.21 6.17
CA SER A 70 18.84 -9.04 7.35
C SER A 70 19.32 -10.35 8.00
N GLU A 71 18.70 -11.51 7.76
CA GLU A 71 19.10 -12.78 8.39
C GLU A 71 19.12 -14.00 7.45
N ASN A 72 18.19 -14.10 6.49
CA ASN A 72 17.96 -15.32 5.72
C ASN A 72 18.97 -15.55 4.58
N GLY A 73 19.32 -16.82 4.36
CA GLY A 73 20.22 -17.26 3.29
C GLY A 73 19.79 -16.93 1.87
N TRP A 74 18.53 -16.53 1.61
CA TRP A 74 18.10 -16.14 0.26
C TRP A 74 18.92 -14.96 -0.31
N VAL A 75 19.39 -14.04 0.56
CA VAL A 75 20.24 -12.89 0.22
C VAL A 75 19.83 -12.21 -1.09
N GLN B 1 23.39 11.14 -23.75
CA GLN B 1 23.51 9.78 -24.29
C GLN B 1 24.05 8.77 -23.28
N VAL B 2 23.82 7.49 -23.55
CA VAL B 2 24.41 6.34 -22.86
C VAL B 2 25.24 5.53 -23.88
N GLN B 3 26.37 4.94 -23.49
CA GLN B 3 27.29 4.21 -24.39
C GLN B 3 27.71 2.86 -23.80
N LEU B 4 28.08 1.89 -24.63
CA LEU B 4 28.76 0.67 -24.19
C LEU B 4 30.07 0.47 -24.94
N GLN B 5 31.04 -0.20 -24.32
CA GLN B 5 32.32 -0.56 -24.96
C GLN B 5 32.72 -2.02 -24.69
N GLN B 6 32.87 -2.80 -25.76
CA GLN B 6 33.21 -4.22 -25.80
C GLN B 6 34.70 -4.48 -26.11
N TRP B 7 35.20 -5.65 -25.72
CA TRP B 7 36.54 -6.15 -26.05
C TRP B 7 36.60 -6.81 -27.44
N GLY B 8 37.74 -6.69 -28.12
CA GLY B 8 38.03 -7.31 -29.41
C GLY B 8 38.50 -8.77 -29.32
N ALA B 9 39.31 -9.18 -30.30
CA ALA B 9 39.83 -10.54 -30.47
C ALA B 9 38.71 -11.62 -30.45
N GLY B 10 38.79 -12.60 -29.55
CA GLY B 10 37.79 -13.66 -29.37
C GLY B 10 38.17 -15.00 -30.00
N LEU B 11 39.45 -15.16 -30.35
CA LEU B 11 40.04 -16.37 -30.93
C LEU B 11 40.57 -17.33 -29.84
N LEU B 12 40.01 -18.55 -29.80
CA LEU B 12 40.31 -19.63 -28.85
C LEU B 12 40.57 -20.95 -29.61
N LYS B 13 41.13 -21.95 -28.92
CA LYS B 13 41.23 -23.35 -29.38
C LYS B 13 40.12 -24.18 -28.73
N PRO B 14 39.71 -25.32 -29.29
CA PRO B 14 38.68 -26.17 -28.70
C PRO B 14 38.97 -26.56 -27.25
N SER B 15 37.92 -26.62 -26.44
CA SER B 15 37.89 -26.85 -24.99
C SER B 15 38.40 -25.71 -24.08
N GLU B 16 38.84 -24.56 -24.61
CA GLU B 16 39.19 -23.41 -23.76
C GLU B 16 37.98 -22.60 -23.26
N THR B 17 38.28 -21.58 -22.46
CA THR B 17 37.32 -20.67 -21.84
C THR B 17 37.59 -19.22 -22.27
N LEU B 18 36.57 -18.48 -22.70
CA LEU B 18 36.69 -17.05 -23.04
C LEU B 18 36.18 -16.15 -21.88
N SER B 19 36.98 -15.20 -21.40
CA SER B 19 36.54 -14.28 -20.33
C SER B 19 36.76 -12.81 -20.68
N LEU B 20 35.68 -12.02 -20.76
CA LEU B 20 35.70 -10.59 -21.09
C LEU B 20 34.51 -9.84 -20.47
N THR B 21 34.52 -8.52 -20.57
CA THR B 21 33.50 -7.60 -20.05
C THR B 21 33.00 -6.65 -21.14
N CYS B 22 31.86 -6.01 -20.92
CA CYS B 22 31.46 -4.83 -21.70
C CYS B 22 31.24 -3.66 -20.71
N ALA B 23 31.87 -2.51 -20.94
CA ALA B 23 31.80 -1.36 -20.05
C ALA B 23 30.48 -0.59 -20.23
N VAL B 24 29.91 -0.12 -19.11
CA VAL B 24 28.68 0.67 -19.03
C VAL B 24 28.98 2.13 -18.69
N TYR B 25 28.55 3.06 -19.54
CA TYR B 25 28.73 4.51 -19.41
C TYR B 25 27.36 5.21 -19.32
N GLY B 26 27.12 6.02 -18.29
CA GLY B 26 25.87 6.79 -18.13
C GLY B 26 24.78 6.11 -17.29
N GLY B 27 25.13 5.02 -16.59
CA GLY B 27 24.23 4.24 -15.75
C GLY B 27 24.90 2.98 -15.21
N SER B 28 24.12 2.12 -14.59
CA SER B 28 24.55 0.84 -14.02
C SER B 28 23.39 -0.15 -14.07
N PHE B 29 23.61 -1.40 -13.62
CA PHE B 29 22.63 -2.47 -13.78
C PHE B 29 21.21 -2.13 -13.30
N SER B 30 21.08 -1.63 -12.06
CA SER B 30 19.78 -1.57 -11.40
C SER B 30 18.78 -0.71 -12.19
N GLY B 31 17.54 -1.21 -12.27
CA GLY B 31 16.42 -0.56 -12.96
C GLY B 31 16.24 -0.95 -14.42
N TYR B 32 17.11 -1.79 -14.99
CA TYR B 32 17.01 -2.23 -16.38
C TYR B 32 17.46 -3.69 -16.53
N TYR B 33 16.97 -4.40 -17.57
CA TYR B 33 17.68 -5.55 -18.07
C TYR B 33 18.95 -5.08 -18.71
N TRP B 34 19.93 -5.95 -18.68
CA TRP B 34 21.16 -5.77 -19.44
C TRP B 34 21.54 -7.13 -20.01
N SER B 35 21.76 -7.23 -21.31
CA SER B 35 21.88 -8.53 -21.97
C SER B 35 22.79 -8.51 -23.18
N TRP B 36 23.06 -9.70 -23.69
CA TRP B 36 23.84 -9.87 -24.89
C TRP B 36 22.97 -10.42 -26.02
N ILE B 37 23.51 -10.41 -27.21
CA ILE B 37 22.98 -11.17 -28.32
C ILE B 37 24.14 -11.53 -29.22
N ARG B 38 23.96 -12.47 -30.12
CA ARG B 38 25.01 -12.84 -31.09
C ARG B 38 24.46 -12.97 -32.49
N GLN B 39 25.29 -12.71 -33.50
CA GLN B 39 24.98 -12.95 -34.92
C GLN B 39 26.07 -13.79 -35.60
N PRO B 40 25.81 -15.07 -35.92
CA PRO B 40 26.73 -15.84 -36.74
C PRO B 40 26.79 -15.21 -38.14
N PRO B 41 27.98 -15.08 -38.76
CA PRO B 41 28.13 -14.51 -40.10
C PRO B 41 27.25 -15.17 -41.16
N GLY B 42 26.50 -14.36 -41.90
CA GLY B 42 25.59 -14.84 -42.95
C GLY B 42 24.19 -15.17 -42.42
N LYS B 43 24.04 -15.23 -41.09
CA LYS B 43 22.75 -15.44 -40.44
C LYS B 43 22.33 -14.19 -39.65
N GLY B 44 21.16 -14.26 -39.01
CA GLY B 44 20.59 -13.23 -38.14
C GLY B 44 21.00 -13.34 -36.67
N LEU B 45 20.32 -12.57 -35.83
CA LEU B 45 20.56 -12.52 -34.40
C LEU B 45 20.02 -13.78 -33.69
N GLU B 46 20.73 -14.27 -32.68
CA GLU B 46 20.31 -15.34 -31.78
C GLU B 46 20.46 -14.90 -30.33
N TRP B 47 19.50 -15.36 -29.52
CA TRP B 47 19.22 -14.95 -28.16
C TRP B 47 20.36 -15.19 -27.18
N ILE B 48 20.73 -14.14 -26.44
CA ILE B 48 21.50 -14.21 -25.20
C ILE B 48 20.92 -13.15 -24.24
N GLY B 49 19.60 -13.06 -24.28
CA GLY B 49 18.81 -11.91 -23.84
C GLY B 49 18.51 -11.74 -22.34
N GLU B 50 17.21 -11.50 -22.05
CA GLU B 50 16.62 -11.07 -20.76
C GLU B 50 17.30 -11.63 -19.51
N ILE B 51 17.76 -10.77 -18.62
CA ILE B 51 18.53 -11.17 -17.46
C ILE B 51 17.65 -11.18 -16.22
N ASN B 52 17.75 -12.24 -15.44
CA ASN B 52 17.08 -12.36 -14.17
C ASN B 52 18.19 -12.54 -13.11
N HIS B 53 18.48 -11.52 -12.28
CA HIS B 53 19.65 -11.50 -11.38
C HIS B 53 20.96 -11.71 -12.16
N SER B 54 21.81 -12.69 -11.84
CA SER B 54 23.09 -12.89 -12.56
C SER B 54 22.96 -13.71 -13.84
N GLY B 55 21.94 -14.56 -13.93
CA GLY B 55 21.65 -15.43 -15.08
C GLY B 55 20.29 -15.10 -15.69
N SER B 56 19.49 -16.11 -16.05
CA SER B 56 18.13 -15.91 -16.60
C SER B 56 17.26 -17.15 -16.41
N THR B 57 15.97 -16.94 -16.17
CA THR B 57 14.92 -17.97 -16.14
C THR B 57 13.98 -17.86 -17.34
N ASN B 58 14.32 -17.01 -18.30
CA ASN B 58 13.51 -16.73 -19.48
C ASN B 58 14.41 -16.72 -20.72
N TYR B 59 14.70 -17.91 -21.26
CA TYR B 59 15.66 -18.15 -22.33
C TYR B 59 15.08 -18.93 -23.51
N ASN B 60 15.88 -19.07 -24.55
CA ASN B 60 15.55 -19.86 -25.73
C ASN B 60 15.81 -21.36 -25.47
N PRO B 61 14.80 -22.25 -25.38
CA PRO B 61 15.13 -23.64 -25.04
C PRO B 61 16.09 -24.29 -26.04
N SER B 62 16.17 -23.76 -27.26
CA SER B 62 17.00 -24.32 -28.35
C SER B 62 18.48 -23.92 -28.29
N LEU B 63 18.88 -22.96 -27.46
CA LEU B 63 20.26 -22.51 -27.40
C LEU B 63 20.98 -22.93 -26.11
N LYS B 64 20.28 -22.93 -24.98
CA LYS B 64 20.90 -23.18 -23.65
C LYS B 64 21.05 -24.68 -23.32
N SER B 65 21.88 -25.37 -24.10
CA SER B 65 22.25 -26.77 -23.95
C SER B 65 23.77 -26.91 -23.92
N ARG B 66 24.42 -26.86 -25.10
CA ARG B 66 25.89 -26.88 -25.25
C ARG B 66 26.53 -25.74 -24.47
N VAL B 67 27.48 -26.06 -23.61
CA VAL B 67 28.12 -25.09 -22.70
C VAL B 67 27.13 -23.98 -22.27
N THR B 68 25.86 -24.36 -22.10
CA THR B 68 24.67 -23.53 -21.82
C THR B 68 24.75 -22.04 -22.22
N ILE B 69 25.32 -21.77 -23.39
CA ILE B 69 25.61 -20.43 -23.88
C ILE B 69 25.93 -19.49 -22.69
N SER B 70 26.84 -19.88 -21.80
CA SER B 70 27.08 -19.22 -20.51
C SER B 70 27.71 -17.83 -20.54
N VAL B 71 27.10 -16.84 -21.17
CA VAL B 71 27.65 -15.49 -21.12
C VAL B 71 27.35 -14.85 -19.76
N ASP B 72 26.05 -14.71 -19.43
CA ASP B 72 25.56 -14.27 -18.11
C ASP B 72 26.21 -12.95 -17.62
N THR B 73 26.22 -12.63 -16.32
CA THR B 73 26.90 -11.44 -15.77
C THR B 73 27.77 -11.74 -14.56
N SER B 74 28.57 -10.73 -14.16
CA SER B 74 29.38 -10.74 -12.95
C SER B 74 28.86 -9.68 -11.99
N LYS B 75 28.23 -10.09 -10.89
CA LYS B 75 27.58 -9.20 -9.93
C LYS B 75 26.57 -8.29 -10.64
N ASN B 76 25.85 -8.88 -11.60
CA ASN B 76 24.85 -8.26 -12.44
C ASN B 76 25.40 -7.20 -13.41
N GLN B 77 26.71 -6.97 -13.50
CA GLN B 77 27.29 -6.12 -14.54
C GLN B 77 27.81 -6.95 -15.73
N PHE B 78 27.92 -6.31 -16.89
CA PHE B 78 28.28 -6.97 -18.15
C PHE B 78 29.53 -7.87 -18.03
N SER B 79 29.41 -9.10 -18.48
CA SER B 79 30.50 -10.07 -18.59
C SER B 79 30.16 -11.20 -19.56
N LEU B 80 31.15 -12.00 -19.93
CA LEU B 80 31.02 -13.23 -20.69
C LEU B 80 31.97 -14.27 -20.11
N LYS B 81 31.50 -15.50 -19.85
CA LYS B 81 32.35 -16.61 -19.40
C LYS B 81 31.98 -17.96 -20.05
N LEU B 82 32.43 -18.15 -21.28
CA LEU B 82 32.07 -19.31 -22.09
C LEU B 82 33.15 -20.38 -22.03
N SER B 83 32.83 -21.49 -21.38
CA SER B 83 33.80 -22.55 -21.13
C SER B 83 33.66 -23.71 -22.09
N SER B 84 34.71 -24.53 -22.14
CA SER B 84 34.80 -25.76 -22.96
C SER B 84 34.24 -25.58 -24.38
N VAL B 85 34.69 -24.54 -25.08
CA VAL B 85 34.19 -24.01 -26.36
C VAL B 85 34.54 -24.82 -27.62
N THR B 86 33.67 -24.81 -28.64
CA THR B 86 33.90 -25.50 -29.93
C THR B 86 33.67 -24.59 -31.14
N ALA B 87 34.01 -25.06 -32.34
CA ALA B 87 33.91 -24.28 -33.57
C ALA B 87 32.48 -23.79 -33.89
N ALA B 88 31.46 -24.57 -33.53
CA ALA B 88 30.05 -24.23 -33.74
C ALA B 88 29.56 -23.04 -32.90
N ASP B 89 30.36 -22.55 -31.94
CA ASP B 89 30.02 -21.41 -31.10
C ASP B 89 30.48 -20.08 -31.70
N THR B 90 31.07 -20.11 -32.89
CA THR B 90 31.55 -18.92 -33.57
C THR B 90 30.38 -17.98 -33.90
N ALA B 91 30.49 -16.69 -33.53
CA ALA B 91 29.57 -15.60 -33.87
C ALA B 91 30.14 -14.25 -33.40
N VAL B 92 29.54 -13.13 -33.83
CA VAL B 92 29.80 -11.79 -33.29
C VAL B 92 28.84 -11.48 -32.15
N TYR B 93 29.37 -11.24 -30.97
CA TYR B 93 28.60 -11.07 -29.75
C TYR B 93 28.46 -9.60 -29.41
N TYR B 94 27.27 -9.12 -29.11
CA TYR B 94 26.98 -7.73 -28.77
C TYR B 94 26.45 -7.58 -27.34
N CYS B 95 26.74 -6.46 -26.67
CA CYS B 95 26.11 -6.08 -25.38
C CYS B 95 25.05 -4.96 -25.57
N ALA B 96 23.94 -4.97 -24.80
CA ALA B 96 22.93 -3.92 -24.82
C ALA B 96 22.03 -3.79 -23.55
N ARG B 97 21.43 -2.61 -23.30
CA ARG B 97 20.32 -2.38 -22.32
C ARG B 97 18.95 -2.52 -23.02
N GLY B 98 17.86 -2.63 -22.27
CA GLY B 98 16.47 -2.57 -22.77
C GLY B 98 15.42 -2.28 -21.68
N GLY B 99 14.25 -2.91 -21.76
CA GLY B 99 13.22 -2.92 -20.70
C GLY B 99 13.47 -3.95 -19.58
N VAL B 100 12.41 -4.39 -18.88
CA VAL B 100 12.42 -5.25 -17.68
C VAL B 100 11.06 -5.92 -17.41
N GLY B 101 11.05 -6.92 -16.54
CA GLY B 101 9.86 -7.61 -16.02
C GLY B 101 10.13 -9.11 -16.13
N ARG B 102 9.23 -9.83 -16.81
CA ARG B 102 9.61 -11.07 -17.52
C ARG B 102 9.58 -10.79 -19.03
N VAL B 103 9.90 -9.53 -19.34
CA VAL B 103 9.52 -8.77 -20.52
C VAL B 103 10.70 -7.91 -20.96
N ARG B 104 11.04 -7.85 -22.26
CA ARG B 104 12.09 -6.95 -22.78
C ARG B 104 11.75 -5.45 -22.75
N GLY B 105 10.62 -5.07 -22.13
CA GLY B 105 9.88 -3.85 -22.52
C GLY B 105 9.52 -4.02 -24.00
N ASP B 106 9.97 -3.09 -24.83
CA ASP B 106 10.24 -3.39 -26.24
C ASP B 106 11.55 -2.75 -26.71
N SER B 107 12.03 -1.68 -26.07
CA SER B 107 13.29 -1.04 -26.44
C SER B 107 14.55 -1.82 -26.04
N MET B 108 15.63 -1.61 -26.79
CA MET B 108 17.01 -1.99 -26.44
C MET B 108 17.89 -0.75 -26.51
N ASP B 109 17.90 0.01 -25.44
CA ASP B 109 18.25 1.44 -25.49
C ASP B 109 19.67 1.76 -25.98
N VAL B 110 20.66 0.95 -25.59
CA VAL B 110 22.08 1.19 -25.90
C VAL B 110 22.73 -0.10 -26.33
N TRP B 111 23.72 -0.01 -27.21
CA TRP B 111 24.44 -1.13 -27.79
C TRP B 111 25.95 -0.92 -27.79
N GLY B 112 26.69 -2.02 -27.81
CA GLY B 112 28.13 -2.09 -28.02
C GLY B 112 28.52 -2.33 -29.49
N GLN B 113 29.80 -2.62 -29.69
CA GLN B 113 30.47 -2.73 -30.99
C GLN B 113 30.47 -4.14 -31.62
N GLY B 114 30.45 -5.20 -30.81
CA GLY B 114 30.54 -6.57 -31.29
C GLY B 114 31.94 -7.17 -31.11
N THR B 115 31.99 -8.36 -30.52
CA THR B 115 33.21 -9.13 -30.28
C THR B 115 33.33 -10.21 -31.33
N THR B 116 34.45 -10.23 -32.05
CA THR B 116 34.64 -11.18 -33.15
C THR B 116 35.11 -12.53 -32.62
N VAL B 117 34.39 -13.42 -31.94
CA VAL B 117 34.68 -14.67 -31.24
C VAL B 117 34.77 -15.77 -32.30
N THR B 118 35.88 -16.49 -32.33
CA THR B 118 36.06 -17.61 -33.24
C THR B 118 37.03 -18.64 -32.69
N VAL B 119 36.82 -19.90 -33.06
CA VAL B 119 37.57 -21.02 -32.48
C VAL B 119 38.07 -21.99 -33.57
N SER B 120 39.38 -22.32 -33.60
CA SER B 120 39.93 -23.33 -34.53
C SER B 120 41.31 -23.84 -34.12
N SER B 121 41.53 -25.15 -34.22
CA SER B 121 42.83 -25.82 -34.05
C SER B 121 43.61 -26.00 -35.34
N ALA B 122 43.02 -25.68 -36.49
CA ALA B 122 43.60 -25.99 -37.79
C ALA B 122 44.78 -25.06 -38.12
N SER B 123 45.78 -25.57 -38.83
CA SER B 123 46.79 -24.71 -39.46
C SER B 123 46.23 -24.03 -40.71
N THR B 124 46.94 -23.03 -41.24
CA THR B 124 46.47 -22.32 -42.46
C THR B 124 46.54 -23.23 -43.68
N LYS B 125 45.50 -23.23 -44.51
CA LYS B 125 45.34 -24.15 -45.63
C LYS B 125 45.21 -23.40 -46.96
N GLY B 126 46.06 -23.74 -47.92
CA GLY B 126 46.00 -23.21 -49.28
C GLY B 126 44.83 -23.77 -50.11
N PRO B 127 44.36 -23.02 -51.13
CA PRO B 127 43.25 -23.39 -52.00
C PRO B 127 43.58 -24.46 -53.04
N SER B 128 42.54 -25.14 -53.51
CA SER B 128 42.53 -25.84 -54.80
C SER B 128 42.24 -24.83 -55.92
N VAL B 129 43.13 -24.67 -56.90
CA VAL B 129 43.05 -23.62 -57.92
C VAL B 129 42.82 -24.19 -59.33
N PHE B 130 41.76 -23.77 -60.02
CA PHE B 130 41.41 -24.26 -61.35
C PHE B 130 41.11 -23.10 -62.33
N PRO B 131 41.49 -23.18 -63.61
CA PRO B 131 41.22 -22.12 -64.58
C PRO B 131 39.74 -22.10 -64.99
N LEU B 132 39.19 -20.95 -65.39
CA LEU B 132 37.84 -20.80 -65.98
C LEU B 132 37.91 -20.03 -67.33
N ALA B 133 37.49 -20.65 -68.44
CA ALA B 133 37.50 -20.04 -69.77
C ALA B 133 36.10 -19.95 -70.42
N PRO B 134 35.84 -18.93 -71.27
CA PRO B 134 34.59 -18.80 -72.02
C PRO B 134 34.46 -19.82 -73.16
N SER B 135 33.22 -20.14 -73.55
CA SER B 135 32.93 -21.08 -74.66
C SER B 135 33.01 -20.46 -76.06
N SER B 136 32.77 -19.16 -76.20
CA SER B 136 32.78 -18.44 -77.47
C SER B 136 32.86 -16.91 -77.26
N LYS B 137 33.19 -16.14 -78.29
CA LYS B 137 33.10 -14.67 -78.22
C LYS B 137 31.66 -14.16 -78.12
N SER B 138 30.70 -14.83 -78.77
CA SER B 138 29.29 -14.43 -78.70
C SER B 138 28.76 -14.59 -77.27
N THR B 139 28.97 -15.75 -76.63
CA THR B 139 28.43 -16.04 -75.29
C THR B 139 29.17 -15.29 -74.19
N SER B 140 30.43 -14.89 -74.39
CA SER B 140 31.18 -14.07 -73.43
C SER B 140 30.86 -12.57 -73.48
N GLY B 141 30.08 -12.11 -74.46
CA GLY B 141 29.70 -10.70 -74.62
C GLY B 141 30.63 -9.88 -75.52
N GLY B 142 31.26 -10.49 -76.52
CA GLY B 142 32.13 -9.84 -77.49
C GLY B 142 33.58 -9.75 -77.03
N THR B 143 33.82 -9.13 -75.87
CA THR B 143 35.13 -9.13 -75.21
C THR B 143 35.39 -10.50 -74.56
N ALA B 144 36.62 -10.77 -74.14
CA ALA B 144 36.98 -12.03 -73.50
C ALA B 144 36.91 -11.94 -71.98
N ALA B 145 35.93 -12.63 -71.37
CA ALA B 145 35.75 -12.75 -69.93
C ALA B 145 36.47 -14.01 -69.42
N LEU B 146 37.64 -13.84 -68.78
CA LEU B 146 38.49 -14.93 -68.30
C LEU B 146 38.45 -14.98 -66.76
N GLY B 147 38.55 -16.14 -66.15
CA GLY B 147 38.52 -16.24 -64.69
C GLY B 147 39.28 -17.42 -64.09
N CYS B 148 39.09 -17.61 -62.78
CA CYS B 148 39.71 -18.69 -62.01
C CYS B 148 38.88 -19.00 -60.74
N LEU B 149 38.77 -20.29 -60.41
CA LEU B 149 38.09 -20.84 -59.25
C LEU B 149 39.10 -21.14 -58.14
N VAL B 150 38.89 -20.54 -56.97
CA VAL B 150 39.75 -20.70 -55.78
C VAL B 150 38.91 -21.23 -54.62
N LYS B 151 39.09 -22.49 -54.25
CA LYS B 151 38.12 -23.14 -53.34
C LYS B 151 38.75 -23.93 -52.21
N ASP B 152 37.97 -24.24 -51.17
CA ASP B 152 38.39 -25.08 -50.04
C ASP B 152 39.68 -24.60 -49.33
N TYR B 153 39.72 -23.33 -48.94
CA TYR B 153 40.87 -22.73 -48.27
C TYR B 153 40.46 -21.99 -47.00
N PHE B 154 41.39 -21.80 -46.08
CA PHE B 154 41.15 -21.11 -44.81
C PHE B 154 42.46 -20.55 -44.24
N PRO B 155 42.51 -19.33 -43.70
CA PRO B 155 41.40 -18.39 -43.50
C PRO B 155 41.01 -17.65 -44.79
N GLU B 156 40.01 -16.77 -44.68
CA GLU B 156 39.37 -16.01 -45.76
C GLU B 156 40.29 -15.23 -46.74
N PRO B 157 41.36 -14.55 -46.30
CA PRO B 157 42.17 -13.74 -47.22
C PRO B 157 42.91 -14.60 -48.27
N VAL B 158 42.93 -14.16 -49.53
CA VAL B 158 43.74 -14.76 -50.62
C VAL B 158 43.97 -13.75 -51.74
N THR B 159 45.17 -13.74 -52.33
CA THR B 159 45.57 -12.83 -53.41
C THR B 159 45.37 -13.53 -54.74
N VAL B 160 44.60 -12.94 -55.65
CA VAL B 160 44.43 -13.46 -57.01
C VAL B 160 44.69 -12.35 -58.03
N SER B 161 45.65 -12.58 -58.91
CA SER B 161 46.16 -11.66 -59.93
C SER B 161 46.45 -12.44 -61.22
N TRP B 162 47.00 -11.79 -62.25
CA TRP B 162 47.25 -12.44 -63.52
C TRP B 162 48.63 -12.08 -64.10
N ASN B 163 49.17 -12.99 -64.92
CA ASN B 163 50.43 -12.84 -65.66
C ASN B 163 51.59 -12.33 -64.79
N SER B 164 51.74 -12.92 -63.60
CA SER B 164 52.78 -12.59 -62.62
C SER B 164 52.85 -11.08 -62.29
N GLY B 165 51.69 -10.43 -62.21
CA GLY B 165 51.54 -9.01 -61.89
C GLY B 165 51.48 -8.08 -63.11
N ALA B 166 51.73 -8.58 -64.34
CA ALA B 166 51.67 -7.78 -65.56
C ALA B 166 50.24 -7.36 -65.96
N LEU B 167 49.23 -8.18 -65.64
CA LEU B 167 47.81 -7.94 -65.96
C LEU B 167 46.99 -7.71 -64.69
N THR B 168 46.82 -6.44 -64.31
CA THR B 168 46.10 -6.03 -63.08
C THR B 168 44.98 -5.01 -63.33
N SER B 169 45.08 -4.18 -64.39
CA SER B 169 44.16 -3.05 -64.61
C SER B 169 42.72 -3.46 -64.91
N GLY B 170 42.51 -4.64 -65.49
CA GLY B 170 41.18 -5.20 -65.79
C GLY B 170 40.74 -6.34 -64.86
N VAL B 171 41.44 -6.59 -63.75
CA VAL B 171 41.21 -7.73 -62.85
C VAL B 171 40.26 -7.36 -61.72
N HIS B 172 39.21 -8.16 -61.54
CA HIS B 172 38.23 -8.02 -60.47
C HIS B 172 38.14 -9.26 -59.56
N THR B 173 38.05 -9.03 -58.25
CA THR B 173 37.94 -10.06 -57.21
C THR B 173 36.51 -10.13 -56.66
N PHE B 174 35.92 -11.33 -56.63
CA PHE B 174 34.62 -11.55 -55.97
C PHE B 174 34.84 -11.83 -54.46
N PRO B 175 33.91 -11.46 -53.57
CA PRO B 175 33.97 -11.82 -52.14
C PRO B 175 34.01 -13.32 -51.83
N ALA B 176 34.77 -13.69 -50.81
CA ALA B 176 34.81 -15.05 -50.29
C ALA B 176 33.55 -15.39 -49.48
N VAL B 177 33.06 -16.62 -49.57
CA VAL B 177 31.94 -17.12 -48.74
C VAL B 177 32.39 -18.30 -47.88
N LEU B 178 31.97 -18.30 -46.60
CA LEU B 178 32.25 -19.36 -45.63
C LEU B 178 31.16 -20.44 -45.66
N GLN B 179 31.55 -21.70 -45.79
CA GLN B 179 30.61 -22.81 -45.82
C GLN B 179 30.56 -23.57 -44.48
N SER B 180 29.64 -24.53 -44.36
CA SER B 180 29.50 -25.36 -43.15
C SER B 180 30.73 -26.20 -42.83
N SER B 181 31.64 -26.42 -43.78
CA SER B 181 32.89 -27.14 -43.56
C SER B 181 33.97 -26.35 -42.82
N GLY B 182 33.78 -25.03 -42.70
CA GLY B 182 34.74 -24.09 -42.13
C GLY B 182 35.70 -23.48 -43.15
N LEU B 183 35.64 -23.93 -44.41
CA LEU B 183 36.48 -23.43 -45.51
C LEU B 183 35.74 -22.40 -46.37
N TYR B 184 36.52 -21.59 -47.09
CA TYR B 184 36.06 -20.53 -47.98
C TYR B 184 36.10 -20.87 -49.48
N SER B 185 35.20 -20.23 -50.25
CA SER B 185 35.18 -20.25 -51.72
C SER B 185 35.24 -18.83 -52.29
N LEU B 186 36.11 -18.62 -53.29
CA LEU B 186 36.34 -17.35 -53.98
C LEU B 186 36.61 -17.57 -55.50
N SER B 187 36.31 -16.57 -56.31
CA SER B 187 36.63 -16.53 -57.74
C SER B 187 37.11 -15.14 -58.18
N SER B 188 37.71 -15.06 -59.36
CA SER B 188 38.03 -13.79 -60.02
C SER B 188 37.66 -13.83 -61.51
N VAL B 189 37.47 -12.65 -62.07
CA VAL B 189 37.31 -12.40 -63.52
C VAL B 189 38.20 -11.24 -63.95
N VAL B 190 38.81 -11.36 -65.12
CA VAL B 190 39.56 -10.30 -65.80
C VAL B 190 39.03 -10.13 -67.22
N THR B 191 38.86 -8.90 -67.71
CA THR B 191 38.39 -8.66 -69.09
C THR B 191 39.52 -8.14 -70.00
N VAL B 192 39.74 -8.81 -71.12
CA VAL B 192 40.81 -8.51 -72.11
C VAL B 192 40.26 -8.45 -73.55
N PRO B 193 40.99 -7.84 -74.51
CA PRO B 193 40.55 -7.80 -75.90
C PRO B 193 40.32 -9.22 -76.44
N SER B 194 39.22 -9.44 -77.16
CA SER B 194 38.86 -10.79 -77.65
C SER B 194 39.86 -11.35 -78.67
N SER B 195 40.69 -10.51 -79.29
CA SER B 195 41.76 -10.91 -80.21
C SER B 195 42.88 -11.71 -79.51
N SER B 196 42.98 -11.62 -78.17
CA SER B 196 43.99 -12.37 -77.44
C SER B 196 43.59 -13.83 -77.17
N LEU B 197 42.31 -14.24 -77.35
CA LEU B 197 41.87 -15.62 -77.08
C LEU B 197 42.64 -16.65 -77.92
N GLY B 198 42.94 -16.29 -79.18
CA GLY B 198 43.69 -17.14 -80.10
C GLY B 198 45.15 -16.71 -80.29
N THR B 199 45.64 -15.79 -79.46
CA THR B 199 47.00 -15.23 -79.54
C THR B 199 47.83 -15.51 -78.30
N GLN B 200 47.32 -15.21 -77.10
CA GLN B 200 48.05 -15.30 -75.84
C GLN B 200 47.23 -16.04 -74.79
N THR B 201 47.74 -17.18 -74.31
CA THR B 201 47.12 -17.91 -73.20
C THR B 201 47.46 -17.16 -71.91
N TYR B 202 46.47 -16.96 -71.04
CA TYR B 202 46.61 -16.18 -69.81
C TYR B 202 46.86 -17.05 -68.58
N ILE B 203 47.69 -16.55 -67.67
CA ILE B 203 48.05 -17.21 -66.41
C ILE B 203 47.40 -16.45 -65.25
N CYS B 204 46.61 -17.18 -64.45
CA CYS B 204 46.08 -16.66 -63.20
C CYS B 204 46.98 -17.17 -62.07
N ASN B 205 47.42 -16.25 -61.23
CA ASN B 205 48.36 -16.44 -60.13
C ASN B 205 47.60 -16.32 -58.79
N VAL B 206 47.42 -17.41 -58.06
CA VAL B 206 46.71 -17.42 -56.76
C VAL B 206 47.68 -17.68 -55.62
N ASN B 207 47.79 -16.75 -54.66
CA ASN B 207 48.75 -16.81 -53.54
C ASN B 207 48.06 -16.65 -52.17
N HIS B 208 47.86 -17.75 -51.43
CA HIS B 208 47.27 -17.75 -50.09
C HIS B 208 48.32 -17.40 -49.03
N LYS B 209 48.51 -16.09 -48.79
CA LYS B 209 49.55 -15.54 -47.88
C LYS B 209 49.56 -16.16 -46.47
N PRO B 210 48.41 -16.48 -45.81
CA PRO B 210 48.42 -17.10 -44.49
C PRO B 210 49.14 -18.45 -44.45
N SER B 211 49.28 -19.12 -45.60
CA SER B 211 49.98 -20.41 -45.72
C SER B 211 51.19 -20.38 -46.65
N ASN B 212 51.46 -19.29 -47.37
CA ASN B 212 52.44 -19.26 -48.46
C ASN B 212 52.16 -20.28 -49.59
N THR B 213 50.89 -20.51 -49.98
CA THR B 213 50.57 -21.45 -51.07
C THR B 213 50.29 -20.70 -52.37
N LYS B 214 51.18 -20.85 -53.35
CA LYS B 214 51.13 -20.19 -54.65
C LYS B 214 50.93 -21.20 -55.79
N VAL B 215 49.77 -21.19 -56.42
CA VAL B 215 49.42 -22.11 -57.53
C VAL B 215 48.94 -21.32 -58.74
N ASP B 216 49.58 -21.44 -59.90
CA ASP B 216 49.16 -20.76 -61.12
C ASP B 216 48.53 -21.76 -62.11
N LYS B 217 47.58 -21.31 -62.94
CA LYS B 217 46.87 -22.11 -63.96
C LYS B 217 46.73 -21.32 -65.26
N LYS B 218 46.73 -22.00 -66.42
CA LYS B 218 46.57 -21.36 -67.75
C LYS B 218 45.13 -21.42 -68.27
N VAL B 219 44.64 -20.28 -68.74
CA VAL B 219 43.25 -20.05 -69.19
C VAL B 219 43.20 -19.78 -70.70
N GLU B 220 42.51 -20.65 -71.43
CA GLU B 220 42.25 -20.57 -72.88
C GLU B 220 40.91 -21.29 -73.16
N PRO B 221 40.16 -20.95 -74.23
CA PRO B 221 38.94 -21.68 -74.62
C PRO B 221 39.23 -23.10 -75.15
N LYS B 222 38.34 -24.06 -74.87
CA LYS B 222 38.35 -25.47 -75.28
C LYS B 222 36.97 -25.92 -75.76
N PRO C 1 8.94 -15.32 -32.23
CA PRO C 1 7.85 -14.40 -32.53
C PRO C 1 6.60 -15.11 -33.08
N VAL C 2 5.74 -14.37 -33.77
CA VAL C 2 4.53 -14.89 -34.40
C VAL C 2 4.56 -14.81 -35.94
N LEU C 3 4.79 -13.62 -36.50
CA LEU C 3 4.94 -13.35 -37.93
C LEU C 3 6.35 -12.80 -38.25
N THR C 4 6.88 -13.14 -39.44
CA THR C 4 8.22 -12.75 -39.93
C THR C 4 8.15 -11.40 -40.67
N GLN C 5 9.29 -10.75 -40.99
CA GLN C 5 9.27 -9.49 -41.76
C GLN C 5 9.63 -9.73 -43.23
N PRO C 6 9.20 -8.85 -44.16
CA PRO C 6 9.64 -8.90 -45.55
C PRO C 6 11.18 -8.81 -45.59
N PRO C 7 11.87 -9.69 -46.34
CA PRO C 7 13.33 -9.68 -46.43
C PRO C 7 14.03 -8.36 -46.76
N SER C 8 13.48 -7.48 -47.61
CA SER C 8 14.09 -6.20 -48.01
C SER C 8 13.08 -5.19 -48.58
N VAL C 9 13.46 -3.91 -48.58
CA VAL C 9 12.78 -2.79 -49.27
C VAL C 9 13.79 -2.00 -50.10
N SER C 10 13.44 -1.60 -51.32
CA SER C 10 14.33 -0.83 -52.20
C SER C 10 13.64 0.38 -52.79
N LYS C 11 14.15 1.57 -52.46
CA LYS C 11 13.63 2.91 -52.83
C LYS C 11 14.82 3.81 -53.19
N ALA C 12 14.66 4.98 -53.83
CA ALA C 12 15.78 5.77 -54.35
C ALA C 12 16.25 6.97 -53.50
N LEU C 13 17.39 7.55 -53.89
CA LEU C 13 18.00 8.71 -53.26
C LEU C 13 17.01 9.87 -53.10
N ARG C 14 16.90 10.36 -51.87
CA ARG C 14 16.01 11.42 -51.39
C ARG C 14 14.52 11.05 -51.31
N GLN C 15 14.15 9.79 -51.57
CA GLN C 15 12.78 9.30 -51.39
C GLN C 15 12.50 8.87 -49.95
N THR C 16 11.27 8.42 -49.68
CA THR C 16 10.85 7.92 -48.38
C THR C 16 10.74 6.40 -48.39
N ALA C 17 11.50 5.71 -47.55
CA ALA C 17 11.40 4.26 -47.46
C ALA C 17 10.30 3.87 -46.46
N THR C 18 9.57 2.82 -46.76
CA THR C 18 8.49 2.25 -45.93
C THR C 18 8.87 0.86 -45.48
N LEU C 19 8.93 0.64 -44.17
CA LEU C 19 9.30 -0.64 -43.59
C LEU C 19 8.20 -1.17 -42.67
N THR C 20 7.61 -2.31 -43.03
CA THR C 20 6.42 -2.88 -42.37
C THR C 20 6.81 -3.87 -41.27
N CYS C 21 5.88 -4.16 -40.34
CA CYS C 21 6.10 -5.05 -39.21
C CYS C 21 4.74 -5.53 -38.67
N THR C 22 4.54 -6.86 -38.59
CA THR C 22 3.27 -7.51 -38.18
C THR C 22 3.46 -8.51 -37.03
N GLY C 23 2.37 -8.87 -36.35
CA GLY C 23 2.34 -9.80 -35.22
C GLY C 23 0.90 -10.08 -34.74
N ASP C 24 0.74 -10.56 -33.50
CA ASP C 24 -0.56 -10.88 -32.89
C ASP C 24 -1.07 -9.73 -31.99
N SER C 25 -2.23 -9.89 -31.37
CA SER C 25 -2.89 -8.83 -30.58
C SER C 25 -2.17 -8.42 -29.28
N ASN C 26 -1.17 -9.16 -28.80
CA ASN C 26 -0.45 -8.80 -27.58
C ASN C 26 1.03 -8.45 -27.84
N ASN C 27 1.40 -8.14 -29.09
CA ASN C 27 2.75 -7.80 -29.51
C ASN C 27 2.77 -6.91 -30.76
N VAL C 28 3.89 -6.25 -31.07
CA VAL C 28 4.16 -5.36 -32.23
C VAL C 28 3.32 -4.07 -32.32
N GLY C 29 1.99 -4.16 -32.23
CA GLY C 29 1.04 -3.05 -32.32
C GLY C 29 0.49 -2.63 -30.96
N ASN C 30 -0.40 -3.43 -30.36
CA ASN C 30 -0.97 -3.14 -29.03
C ASN C 30 0.11 -3.09 -27.93
N ARG C 31 1.15 -3.94 -28.08
CA ARG C 31 2.39 -3.93 -27.30
C ARG C 31 3.56 -3.58 -28.22
N GLY C 32 3.77 -2.27 -28.38
CA GLY C 32 4.49 -1.67 -29.50
C GLY C 32 5.97 -2.03 -29.60
N ALA C 33 6.40 -2.25 -30.84
CA ALA C 33 7.75 -2.51 -31.25
C ALA C 33 8.68 -1.28 -31.30
N ALA C 34 9.95 -1.58 -31.16
CA ALA C 34 11.10 -0.72 -31.32
C ALA C 34 11.83 -1.14 -32.62
N TRP C 35 12.47 -0.21 -33.34
CA TRP C 35 13.22 -0.50 -34.56
C TRP C 35 14.72 -0.28 -34.42
N PHE C 36 15.47 -1.04 -35.19
CA PHE C 36 16.91 -1.08 -35.07
C PHE C 36 17.60 -1.01 -36.40
N LEU C 37 18.88 -0.64 -36.33
CA LEU C 37 19.75 -0.50 -37.50
C LEU C 37 21.09 -1.24 -37.31
N LEU C 38 21.42 -2.25 -38.11
CA LEU C 38 22.75 -2.89 -38.15
C LEU C 38 23.27 -3.10 -39.58
N HIS C 39 24.42 -2.50 -39.91
CA HIS C 39 25.14 -2.81 -41.14
C HIS C 39 26.47 -3.49 -40.83
N GLN C 40 26.91 -4.39 -41.71
CA GLN C 40 28.24 -5.00 -41.64
C GLN C 40 29.36 -3.96 -41.40
N GLY C 41 30.18 -4.17 -40.37
CA GLY C 41 31.32 -3.33 -40.00
C GLY C 41 30.98 -2.13 -39.09
N HIS C 42 29.71 -1.98 -38.71
CA HIS C 42 29.19 -0.90 -37.88
C HIS C 42 28.45 -1.46 -36.66
N PRO C 43 28.52 -0.79 -35.49
CA PRO C 43 27.71 -1.16 -34.34
C PRO C 43 26.19 -1.08 -34.61
N PRO C 44 25.37 -1.95 -33.99
CA PRO C 44 23.92 -1.86 -34.08
C PRO C 44 23.40 -0.67 -33.26
N LYS C 45 22.30 -0.02 -33.68
CA LYS C 45 21.63 1.01 -32.86
C LYS C 45 20.11 1.03 -32.91
N LEU C 46 19.51 1.55 -31.84
CA LEU C 46 18.09 1.80 -31.67
C LEU C 46 17.68 3.05 -32.43
N LEU C 47 16.61 2.93 -33.20
CA LEU C 47 16.09 4.00 -34.02
C LEU C 47 14.87 4.64 -33.36
N ALA C 48 13.88 3.83 -33.01
CA ALA C 48 12.64 4.33 -32.44
C ALA C 48 12.00 3.32 -31.51
N TYR C 49 11.22 3.81 -30.56
CA TYR C 49 10.63 3.07 -29.45
C TYR C 49 9.39 3.82 -28.93
N ARG C 50 8.50 3.15 -28.17
CA ARG C 50 7.33 3.78 -27.50
C ARG C 50 6.57 4.74 -28.41
N ASN C 51 5.74 4.21 -29.31
CA ASN C 51 5.11 4.95 -30.40
C ASN C 51 6.15 5.45 -31.43
N ASN C 52 6.51 6.74 -31.49
CA ASN C 52 7.54 7.28 -32.40
C ASN C 52 8.66 8.08 -31.70
N ASP C 53 9.03 7.75 -30.46
CA ASP C 53 10.18 8.40 -29.80
C ASP C 53 11.52 7.93 -30.42
N ARG C 54 12.59 8.74 -30.26
CA ARG C 54 13.92 8.56 -30.86
C ARG C 54 15.06 8.80 -29.86
N PRO C 55 16.15 8.01 -29.85
CA PRO C 55 17.38 8.32 -29.10
C PRO C 55 18.08 9.60 -29.56
N SER C 56 18.81 10.26 -28.65
CA SER C 56 19.60 11.45 -28.96
C SER C 56 20.59 11.22 -30.10
N GLY C 57 20.60 12.12 -31.08
CA GLY C 57 21.40 11.98 -32.30
C GLY C 57 20.64 11.41 -33.52
N ILE C 58 19.43 10.89 -33.33
CA ILE C 58 18.61 10.37 -34.42
C ILE C 58 17.65 11.45 -34.91
N SER C 59 17.75 11.76 -36.20
CA SER C 59 17.15 12.93 -36.84
C SER C 59 15.64 12.81 -37.06
N GLU C 60 15.02 13.94 -37.39
CA GLU C 60 13.59 14.02 -37.69
C GLU C 60 13.19 13.30 -38.99
N ARG C 61 14.17 12.81 -39.78
CA ARG C 61 13.91 12.00 -40.97
C ARG C 61 13.29 10.65 -40.62
N LEU C 62 13.39 10.25 -39.35
CA LEU C 62 12.80 9.02 -38.88
C LEU C 62 11.46 9.24 -38.21
N SER C 63 10.48 8.45 -38.62
CA SER C 63 9.18 8.40 -37.97
C SER C 63 8.67 6.97 -37.91
N ALA C 64 7.48 6.79 -37.38
CA ALA C 64 6.93 5.47 -37.14
C ALA C 64 5.42 5.55 -36.95
N SER C 65 4.75 4.41 -37.06
CA SER C 65 3.34 4.35 -36.69
C SER C 65 2.94 3.00 -36.12
N ARG C 66 1.88 3.00 -35.32
CA ARG C 66 1.20 1.82 -34.73
C ARG C 66 -0.21 1.64 -35.34
N SER C 67 -0.50 2.33 -36.44
CA SER C 67 -1.85 2.43 -37.01
C SER C 67 -2.53 1.10 -37.34
N GLY C 68 -3.84 1.03 -37.05
CA GLY C 68 -4.74 -0.08 -37.38
C GLY C 68 -4.49 -1.33 -36.54
N ASN C 69 -3.50 -2.12 -36.94
CA ASN C 69 -3.05 -3.34 -36.26
C ASN C 69 -1.57 -3.72 -36.55
N THR C 70 -0.75 -2.82 -37.10
CA THR C 70 0.66 -3.09 -37.42
C THR C 70 1.60 -2.01 -36.90
N ALA C 71 2.90 -2.32 -36.87
CA ALA C 71 3.91 -1.30 -36.70
C ALA C 71 4.56 -0.99 -38.05
N SER C 72 5.05 0.22 -38.21
CA SER C 72 5.74 0.64 -39.42
C SER C 72 6.82 1.67 -39.12
N LEU C 73 7.82 1.78 -39.99
CA LEU C 73 8.90 2.73 -39.89
C LEU C 73 9.15 3.46 -41.22
N THR C 74 9.35 4.76 -41.11
CA THR C 74 9.40 5.74 -42.19
C THR C 74 10.78 6.38 -42.24
N ILE C 75 11.46 6.34 -43.38
CA ILE C 75 12.76 7.00 -43.55
C ILE C 75 12.72 7.97 -44.74
N THR C 76 12.52 9.24 -44.44
CA THR C 76 12.49 10.33 -45.42
C THR C 76 13.89 10.80 -45.81
N GLY C 77 14.01 11.49 -46.96
CA GLY C 77 15.26 12.05 -47.47
C GLY C 77 16.39 11.02 -47.52
N LEU C 78 16.04 9.83 -48.04
CA LEU C 78 16.77 8.58 -47.99
C LEU C 78 18.22 8.66 -48.55
N GLN C 79 19.24 8.23 -47.81
CA GLN C 79 20.66 8.32 -48.23
C GLN C 79 21.43 6.98 -48.19
N PRO C 80 22.51 6.79 -48.97
CA PRO C 80 23.34 5.59 -48.90
C PRO C 80 23.81 5.25 -47.48
N GLU C 81 24.04 6.25 -46.63
CA GLU C 81 24.41 6.06 -45.22
C GLU C 81 23.32 5.40 -44.36
N ASP C 82 22.07 5.34 -44.82
CA ASP C 82 20.98 4.68 -44.10
C ASP C 82 20.97 3.15 -44.32
N GLU C 83 21.66 2.62 -45.32
CA GLU C 83 21.59 1.18 -45.65
C GLU C 83 22.05 0.29 -44.48
N ALA C 84 21.27 -0.75 -44.18
CA ALA C 84 21.48 -1.69 -43.07
C ALA C 84 20.38 -2.76 -43.07
N ASP C 85 20.51 -3.83 -42.30
CA ASP C 85 19.38 -4.68 -41.91
C ASP C 85 18.55 -4.02 -40.79
N TYR C 86 17.26 -3.78 -40.99
CA TYR C 86 16.38 -3.11 -40.01
C TYR C 86 15.38 -4.03 -39.30
N TYR C 87 15.45 -4.12 -37.97
CA TYR C 87 14.70 -5.09 -37.17
C TYR C 87 13.54 -4.49 -36.38
N CYS C 88 12.43 -5.21 -36.25
CA CYS C 88 11.23 -4.81 -35.50
C CYS C 88 10.84 -5.78 -34.35
N SER C 89 10.89 -5.26 -33.11
CA SER C 89 10.81 -6.02 -31.85
C SER C 89 9.41 -6.47 -31.37
N ALA C 90 9.41 -7.49 -30.52
CA ALA C 90 8.25 -7.89 -29.76
C ALA C 90 8.65 -8.50 -28.42
N TRP C 91 7.69 -8.52 -27.51
CA TRP C 91 7.61 -9.52 -26.45
C TRP C 91 6.18 -10.06 -26.46
N ASP C 92 5.97 -11.35 -26.19
CA ASP C 92 4.61 -11.81 -25.85
C ASP C 92 4.54 -12.58 -24.51
N SER C 93 3.46 -12.45 -23.73
CA SER C 93 3.26 -13.18 -22.47
C SER C 93 3.16 -14.71 -22.62
N SER C 94 2.95 -15.24 -23.82
CA SER C 94 3.01 -16.66 -24.17
C SER C 94 4.38 -17.06 -24.72
N LEU C 95 5.23 -16.08 -25.04
CA LEU C 95 6.55 -16.21 -25.67
C LEU C 95 7.51 -15.20 -25.01
N ARG C 96 7.80 -15.41 -23.70
CA ARG C 96 8.25 -14.38 -22.73
C ARG C 96 9.73 -13.94 -22.88
N VAL C 97 10.12 -13.50 -24.08
CA VAL C 97 11.52 -13.42 -24.53
C VAL C 97 11.79 -12.19 -25.41
N GLN C 98 13.07 -11.79 -25.53
CA GLN C 98 13.65 -10.70 -26.34
C GLN C 98 13.46 -10.86 -27.88
N VAL C 99 12.34 -11.41 -28.35
CA VAL C 99 12.15 -11.80 -29.75
C VAL C 99 11.90 -10.60 -30.67
N PHE C 100 11.93 -10.88 -31.97
CA PHE C 100 11.80 -9.89 -33.02
C PHE C 100 11.27 -10.56 -34.30
N GLY C 101 10.64 -9.77 -35.18
CA GLY C 101 10.02 -10.23 -36.43
C GLY C 101 10.96 -11.03 -37.34
N GLY C 102 11.98 -10.38 -37.90
CA GLY C 102 12.99 -11.02 -38.77
C GLY C 102 14.08 -10.12 -39.38
N GLY C 103 13.77 -8.86 -39.69
CA GLY C 103 14.72 -7.91 -40.25
C GLY C 103 14.57 -7.69 -41.76
N THR C 104 14.39 -6.43 -42.14
CA THR C 104 14.19 -5.97 -43.50
C THR C 104 15.43 -5.20 -43.93
N LYS C 105 16.13 -5.72 -44.93
CA LYS C 105 17.30 -5.05 -45.51
C LYS C 105 16.81 -3.80 -46.24
N LEU C 106 17.46 -2.67 -46.03
CA LEU C 106 17.16 -1.40 -46.67
C LEU C 106 18.14 -1.10 -47.81
N THR C 107 17.63 -0.93 -49.03
CA THR C 107 18.42 -0.59 -50.22
C THR C 107 18.15 0.82 -50.73
N VAL C 108 19.22 1.55 -50.98
CA VAL C 108 19.25 2.92 -51.51
C VAL C 108 19.94 2.93 -52.85
N LEU C 109 19.01 3.37 -53.70
CA LEU C 109 19.40 3.47 -55.10
C LEU C 109 19.96 4.85 -55.45
N GLY C 110 21.28 5.01 -55.41
CA GLY C 110 21.96 6.27 -55.75
C GLY C 110 22.41 6.38 -57.21
N GLN C 111 22.03 5.40 -58.03
CA GLN C 111 22.37 5.23 -59.44
C GLN C 111 21.31 4.33 -60.12
N PRO C 112 21.18 4.35 -61.46
CA PRO C 112 20.31 3.44 -62.19
C PRO C 112 20.56 1.94 -61.93
N LYS C 113 19.48 1.18 -61.76
CA LYS C 113 19.51 -0.28 -61.55
C LYS C 113 19.51 -1.05 -62.87
N ALA C 114 20.10 -2.25 -62.88
CA ALA C 114 20.14 -3.12 -64.06
C ALA C 114 20.38 -4.59 -63.67
N ALA C 115 19.90 -5.50 -64.50
CA ALA C 115 20.19 -6.93 -64.38
C ALA C 115 21.68 -7.21 -64.66
N PRO C 116 22.23 -8.29 -64.10
CA PRO C 116 23.64 -8.62 -64.26
C PRO C 116 23.99 -9.13 -65.66
N SER C 117 25.25 -8.93 -66.02
CA SER C 117 25.90 -9.76 -67.04
C SER C 117 26.38 -11.02 -66.34
N VAL C 118 26.01 -12.21 -66.84
CA VAL C 118 26.33 -13.48 -66.18
C VAL C 118 27.10 -14.37 -67.15
N THR C 119 28.23 -14.94 -66.70
CA THR C 119 28.97 -15.94 -67.47
C THR C 119 29.05 -17.23 -66.65
N LEU C 120 28.64 -18.34 -67.27
CA LEU C 120 28.63 -19.65 -66.63
C LEU C 120 29.82 -20.48 -67.14
N PHE C 121 30.69 -20.89 -66.22
CA PHE C 121 31.94 -21.56 -66.50
C PHE C 121 31.77 -23.05 -66.17
N PRO C 122 31.90 -23.96 -67.16
CA PRO C 122 31.79 -25.39 -66.93
C PRO C 122 33.00 -25.93 -66.16
N PRO C 123 32.88 -27.11 -65.53
CA PRO C 123 34.00 -27.79 -64.89
C PRO C 123 35.17 -27.97 -65.86
N SER C 124 36.38 -27.59 -65.43
CA SER C 124 37.57 -27.64 -66.31
C SER C 124 38.32 -28.97 -66.30
N SER C 125 39.30 -29.11 -67.21
CA SER C 125 40.13 -30.30 -67.40
C SER C 125 40.99 -30.68 -66.18
N GLU C 126 41.43 -29.71 -65.37
CA GLU C 126 42.15 -29.98 -64.11
C GLU C 126 41.26 -30.64 -63.05
N GLU C 127 39.99 -30.25 -62.95
CA GLU C 127 39.05 -30.88 -62.01
C GLU C 127 38.76 -32.34 -62.35
N LEU C 128 38.53 -32.65 -63.62
CA LEU C 128 38.22 -34.02 -64.06
C LEU C 128 39.40 -34.99 -63.87
N GLN C 129 40.64 -34.55 -64.10
CA GLN C 129 41.87 -35.29 -63.78
C GLN C 129 42.06 -35.51 -62.26
N ALA C 130 41.56 -34.60 -61.41
CA ALA C 130 41.53 -34.75 -59.95
C ALA C 130 40.32 -35.56 -59.42
N ASN C 131 39.47 -36.09 -60.32
CA ASN C 131 38.21 -36.78 -60.01
C ASN C 131 37.21 -35.86 -59.26
N LYS C 132 37.13 -34.59 -59.67
CA LYS C 132 36.26 -33.53 -59.13
C LYS C 132 35.54 -32.79 -60.26
N ALA C 133 34.46 -32.08 -59.96
CA ALA C 133 33.81 -31.16 -60.89
C ALA C 133 32.99 -30.08 -60.15
N THR C 134 33.15 -28.82 -60.53
CA THR C 134 32.37 -27.70 -60.01
C THR C 134 31.89 -26.83 -61.16
N LEU C 135 30.58 -26.60 -61.21
CA LEU C 135 29.99 -25.71 -62.19
C LEU C 135 29.86 -24.30 -61.58
N VAL C 136 30.51 -23.28 -62.14
CA VAL C 136 30.67 -21.97 -61.49
C VAL C 136 29.97 -20.86 -62.26
N CYS C 137 29.03 -20.15 -61.63
CA CYS C 137 28.32 -19.03 -62.22
C CYS C 137 28.83 -17.72 -61.62
N LEU C 138 29.44 -16.85 -62.44
CA LEU C 138 29.96 -15.55 -61.99
C LEU C 138 29.04 -14.43 -62.52
N ILE C 139 28.42 -13.73 -61.58
CA ILE C 139 27.38 -12.73 -61.78
C ILE C 139 28.02 -11.36 -61.56
N SER C 140 28.02 -10.46 -62.52
CA SER C 140 28.73 -9.17 -62.43
C SER C 140 27.94 -8.04 -63.04
N ASP C 141 28.37 -6.79 -62.84
CA ASP C 141 27.72 -5.60 -63.39
C ASP C 141 26.23 -5.47 -63.08
N PHE C 142 25.80 -5.67 -61.83
CA PHE C 142 24.41 -5.45 -61.43
C PHE C 142 24.29 -4.37 -60.37
N TYR C 143 23.09 -3.82 -60.28
CA TYR C 143 22.69 -2.89 -59.24
C TYR C 143 21.17 -2.96 -59.04
N PRO C 144 20.67 -2.94 -57.80
CA PRO C 144 21.41 -2.91 -56.52
C PRO C 144 22.06 -4.26 -56.18
N GLY C 145 22.80 -4.33 -55.08
CA GLY C 145 23.64 -5.46 -54.66
C GLY C 145 22.89 -6.65 -54.06
N ALA C 146 21.92 -7.22 -54.77
CA ALA C 146 21.19 -8.41 -54.35
C ALA C 146 20.49 -9.10 -55.52
N VAL C 147 20.77 -10.39 -55.70
CA VAL C 147 20.19 -11.29 -56.72
C VAL C 147 19.79 -12.63 -56.09
N THR C 148 18.84 -13.35 -56.68
CA THR C 148 18.49 -14.73 -56.29
C THR C 148 18.89 -15.72 -57.38
N VAL C 149 19.64 -16.77 -57.03
CA VAL C 149 20.24 -17.69 -58.01
C VAL C 149 19.74 -19.13 -57.82
N ALA C 150 19.22 -19.73 -58.88
CA ALA C 150 18.80 -21.13 -58.93
C ALA C 150 19.56 -21.93 -60.01
N TRP C 151 19.76 -23.23 -59.74
CA TRP C 151 20.43 -24.19 -60.61
C TRP C 151 19.46 -25.17 -61.24
N LYS C 152 19.73 -25.61 -62.48
CA LYS C 152 18.98 -26.64 -63.20
C LYS C 152 19.90 -27.66 -63.87
N ALA C 153 19.44 -28.90 -63.99
CA ALA C 153 20.13 -29.99 -64.69
C ALA C 153 19.18 -30.66 -65.70
N ASP C 154 19.54 -30.62 -67.00
CA ASP C 154 18.74 -31.03 -68.18
C ASP C 154 17.42 -30.25 -68.35
N SER C 155 16.51 -30.33 -67.38
CA SER C 155 15.26 -29.56 -67.29
C SER C 155 14.74 -29.39 -65.84
N SER C 156 15.34 -30.04 -64.83
CA SER C 156 14.85 -30.06 -63.44
C SER C 156 15.62 -29.09 -62.51
N PRO C 157 14.95 -28.44 -61.53
CA PRO C 157 15.63 -27.65 -60.50
C PRO C 157 16.59 -28.52 -59.68
N VAL C 158 17.74 -27.95 -59.29
CA VAL C 158 18.78 -28.59 -58.48
C VAL C 158 18.91 -27.91 -57.13
N LYS C 159 18.73 -28.68 -56.06
CA LYS C 159 18.81 -28.20 -54.68
C LYS C 159 20.03 -28.73 -53.93
N ALA C 160 20.50 -29.94 -54.23
CA ALA C 160 21.68 -30.53 -53.61
C ALA C 160 22.98 -29.92 -54.13
N GLY C 161 23.98 -29.73 -53.25
CA GLY C 161 25.33 -29.26 -53.63
C GLY C 161 25.45 -27.79 -54.04
N VAL C 162 24.55 -26.93 -53.57
CA VAL C 162 24.44 -25.51 -53.95
C VAL C 162 24.97 -24.58 -52.84
N GLU C 163 25.90 -23.68 -53.16
CA GLU C 163 26.42 -22.64 -52.24
C GLU C 163 26.69 -21.30 -52.97
N THR C 164 26.56 -20.14 -52.31
CA THR C 164 26.73 -18.81 -52.94
C THR C 164 27.60 -17.85 -52.14
N THR C 165 28.05 -16.75 -52.73
CA THR C 165 28.71 -15.67 -51.99
C THR C 165 27.85 -14.40 -51.98
N THR C 166 28.27 -13.43 -51.17
CA THR C 166 27.77 -12.04 -51.20
C THR C 166 28.37 -11.27 -52.41
N PRO C 167 27.87 -10.09 -52.83
CA PRO C 167 28.51 -9.26 -53.85
C PRO C 167 29.69 -8.41 -53.32
N SER C 168 30.67 -8.08 -54.18
CA SER C 168 31.69 -7.05 -53.97
C SER C 168 31.52 -5.89 -54.95
N LYS C 169 32.14 -4.75 -54.63
CA LYS C 169 32.11 -3.53 -55.45
C LYS C 169 33.17 -3.59 -56.55
N GLN C 170 32.76 -3.29 -57.77
CA GLN C 170 33.63 -3.22 -58.94
C GLN C 170 34.25 -1.82 -59.08
N SER C 171 35.37 -1.70 -59.80
CA SER C 171 36.05 -0.40 -59.97
C SER C 171 35.20 0.60 -60.76
N ASN C 172 34.16 0.12 -61.46
CA ASN C 172 33.20 0.94 -62.20
C ASN C 172 31.86 1.16 -61.45
N ASN C 173 31.84 0.95 -60.13
CA ASN C 173 30.72 1.11 -59.20
C ASN C 173 29.52 0.14 -59.32
N LYS C 174 29.63 -1.03 -59.96
CA LYS C 174 28.55 -2.05 -59.97
C LYS C 174 28.88 -3.23 -59.03
N TYR C 175 27.93 -4.14 -58.79
CA TYR C 175 28.15 -5.31 -57.93
C TYR C 175 28.50 -6.58 -58.72
N ALA C 176 29.23 -7.50 -58.08
CA ALA C 176 29.48 -8.86 -58.58
C ALA C 176 29.51 -9.91 -57.47
N ALA C 177 28.87 -11.07 -57.66
CA ALA C 177 28.74 -12.18 -56.70
C ALA C 177 28.87 -13.53 -57.42
N SER C 178 29.21 -14.60 -56.70
CA SER C 178 29.29 -15.92 -57.33
C SER C 178 28.37 -16.97 -56.72
N SER C 179 28.12 -18.01 -57.50
CA SER C 179 27.35 -19.20 -57.14
C SER C 179 28.01 -20.45 -57.72
N TYR C 180 28.05 -21.51 -56.92
CA TYR C 180 28.75 -22.76 -57.20
C TYR C 180 27.79 -23.95 -57.05
N LEU C 181 27.89 -24.93 -57.95
CA LEU C 181 27.22 -26.23 -57.87
C LEU C 181 28.25 -27.37 -57.86
N SER C 182 28.23 -28.19 -56.81
CA SER C 182 29.17 -29.30 -56.59
C SER C 182 28.73 -30.59 -57.30
N LEU C 183 29.53 -31.08 -58.26
CA LEU C 183 29.25 -32.26 -59.09
C LEU C 183 30.41 -33.28 -59.04
N THR C 184 30.11 -34.57 -59.21
CA THR C 184 31.14 -35.59 -59.53
C THR C 184 31.43 -35.61 -61.04
N PRO C 185 32.57 -36.14 -61.52
CA PRO C 185 32.83 -36.33 -62.95
C PRO C 185 31.71 -37.10 -63.66
N GLU C 186 31.11 -38.09 -63.00
CA GLU C 186 29.99 -38.86 -63.55
C GLU C 186 28.72 -38.03 -63.67
N GLN C 187 28.39 -37.20 -62.67
CA GLN C 187 27.23 -36.31 -62.73
C GLN C 187 27.34 -35.23 -63.82
N TRP C 188 28.53 -34.64 -64.01
CA TRP C 188 28.74 -33.70 -65.12
C TRP C 188 28.57 -34.41 -66.47
N LYS C 189 29.31 -35.50 -66.71
CA LYS C 189 29.32 -36.24 -67.99
C LYS C 189 28.00 -36.93 -68.36
N SER C 190 27.19 -37.40 -67.41
CA SER C 190 25.91 -38.09 -67.70
C SER C 190 24.75 -37.16 -68.14
N HIS C 191 24.89 -35.84 -68.02
CA HIS C 191 23.84 -34.87 -68.39
C HIS C 191 24.07 -34.27 -69.79
N LYS C 192 22.98 -33.84 -70.44
CA LYS C 192 23.04 -33.12 -71.73
C LYS C 192 23.24 -31.62 -71.54
N SER C 193 22.73 -31.01 -70.46
CA SER C 193 22.92 -29.58 -70.18
C SER C 193 22.74 -29.21 -68.70
N TYR C 194 23.33 -28.09 -68.30
CA TYR C 194 23.12 -27.43 -67.01
C TYR C 194 22.90 -25.91 -67.24
N SER C 195 22.25 -25.22 -66.31
CA SER C 195 22.13 -23.75 -66.35
C SER C 195 22.04 -23.07 -64.97
N CYS C 196 22.36 -21.78 -64.97
CA CYS C 196 22.30 -20.85 -63.85
C CYS C 196 21.23 -19.80 -64.14
N GLN C 197 20.18 -19.72 -63.32
CA GLN C 197 19.10 -18.74 -63.44
C GLN C 197 19.21 -17.68 -62.35
N VAL C 198 19.50 -16.44 -62.72
CA VAL C 198 19.75 -15.29 -61.82
C VAL C 198 18.59 -14.30 -61.91
N THR C 199 17.71 -14.29 -60.92
CA THR C 199 16.55 -13.38 -60.87
C THR C 199 16.96 -12.04 -60.25
N HIS C 200 16.64 -10.95 -60.96
CA HIS C 200 16.94 -9.57 -60.56
C HIS C 200 15.75 -8.66 -60.88
N GLU C 201 15.20 -7.96 -59.89
CA GLU C 201 14.05 -7.08 -60.07
C GLU C 201 12.88 -7.83 -60.76
N GLY C 202 12.54 -7.48 -61.99
CA GLY C 202 11.41 -8.05 -62.72
C GLY C 202 11.80 -9.02 -63.85
N SER C 203 13.07 -9.45 -63.92
CA SER C 203 13.60 -10.31 -64.97
C SER C 203 14.58 -11.37 -64.45
N THR C 204 14.83 -12.41 -65.22
CA THR C 204 15.82 -13.45 -64.91
C THR C 204 16.80 -13.61 -66.09
N VAL C 205 18.09 -13.67 -65.77
CA VAL C 205 19.22 -13.89 -66.70
C VAL C 205 19.68 -15.34 -66.56
N GLU C 206 19.55 -16.15 -67.61
CA GLU C 206 19.94 -17.57 -67.58
C GLU C 206 21.08 -17.87 -68.57
N LYS C 207 22.13 -18.56 -68.11
CA LYS C 207 23.28 -19.02 -68.91
C LYS C 207 23.37 -20.54 -68.92
N THR C 208 23.85 -21.15 -70.00
CA THR C 208 23.86 -22.62 -70.18
C THR C 208 25.24 -23.18 -70.56
N VAL C 209 25.51 -24.44 -70.16
CA VAL C 209 26.67 -25.25 -70.56
C VAL C 209 26.23 -26.64 -71.02
N ALA C 210 27.05 -27.28 -71.86
CA ALA C 210 26.80 -28.61 -72.42
C ALA C 210 27.95 -29.59 -72.11
N PRO C 211 27.80 -30.53 -71.17
CA PRO C 211 28.83 -31.53 -70.83
C PRO C 211 29.27 -32.42 -72.00
N THR C 212 28.44 -32.50 -73.05
CA THR C 212 28.64 -33.35 -74.24
C THR C 212 29.35 -32.65 -75.40
N GLU C 213 29.66 -31.36 -75.31
CA GLU C 213 30.20 -30.54 -76.42
C GLU C 213 31.67 -30.11 -76.22
N CYS C 214 32.24 -29.45 -77.23
CA CYS C 214 33.59 -28.86 -77.20
C CYS C 214 33.69 -27.66 -78.16
N SER C 215 34.77 -26.87 -78.05
CA SER C 215 35.02 -25.66 -78.86
C SER C 215 36.33 -25.74 -79.64
N ASP D 1 8.08 -11.08 21.37
CA ASP D 1 6.86 -10.28 21.19
C ASP D 1 6.34 -10.35 19.74
N ILE D 2 5.22 -9.69 19.45
CA ILE D 2 4.72 -9.52 18.09
C ILE D 2 5.59 -8.43 17.40
N PRO D 3 6.14 -8.67 16.20
CA PRO D 3 6.90 -7.68 15.42
C PRO D 3 6.29 -6.31 15.10
N ASP D 4 7.16 -5.31 14.99
CA ASP D 4 6.79 -3.92 14.66
C ASP D 4 6.07 -3.85 13.32
N TYR D 5 6.53 -4.63 12.34
CA TYR D 5 5.97 -4.59 11.00
C TYR D 5 4.63 -5.31 10.88
N LEU D 6 4.13 -5.99 11.93
CA LEU D 6 2.76 -6.53 11.93
C LEU D 6 1.76 -5.62 12.65
N CYS D 7 2.20 -4.45 13.13
CA CYS D 7 1.39 -3.59 13.99
C CYS D 7 1.10 -2.22 13.33
N GLY D 8 -0.01 -1.61 13.73
CA GLY D 8 -0.43 -0.27 13.29
C GLY D 8 0.25 0.85 14.09
N LYS D 9 -0.07 2.11 13.77
CA LYS D 9 0.43 3.32 14.47
C LYS D 9 -0.70 4.24 14.96
N ILE D 10 -1.88 3.66 15.26
CA ILE D 10 -2.97 4.33 16.01
C ILE D 10 -3.27 3.64 17.35
N SER D 11 -3.56 2.34 17.35
CA SER D 11 -3.68 1.49 18.53
C SER D 11 -2.38 0.78 18.90
N PHE D 12 -1.34 0.89 18.06
CA PHE D 12 -0.01 0.32 18.27
C PHE D 12 -0.05 -1.16 18.68
N GLU D 13 -0.83 -1.95 17.94
CA GLU D 13 -0.97 -3.40 18.18
C GLU D 13 -1.20 -4.16 16.86
N LEU D 14 -1.28 -5.50 16.94
CA LEU D 14 -1.37 -6.38 15.77
C LEU D 14 -2.52 -6.02 14.82
N MET D 15 -2.21 -5.87 13.54
CA MET D 15 -3.24 -5.65 12.54
C MET D 15 -3.78 -6.99 12.06
N ARG D 16 -5.04 -7.04 11.68
CA ARG D 16 -5.69 -8.22 11.11
C ARG D 16 -6.23 -7.94 9.71
N GLU D 17 -6.69 -6.72 9.45
CA GLU D 17 -7.32 -6.31 8.19
C GLU D 17 -6.75 -4.96 7.63
N PRO D 18 -5.48 -4.89 7.19
CA PRO D 18 -4.82 -3.64 6.80
C PRO D 18 -5.23 -2.95 5.51
N CYS D 19 -5.17 -1.63 5.58
CA CYS D 19 -5.26 -0.69 4.48
C CYS D 19 -4.14 0.35 4.57
N ILE D 20 -3.67 0.80 3.42
CA ILE D 20 -2.48 1.62 3.29
C ILE D 20 -2.80 2.97 2.65
N THR D 21 -2.23 4.02 3.23
CA THR D 21 -2.45 5.41 2.82
C THR D 21 -1.65 5.83 1.59
N PRO D 22 -1.98 7.01 1.02
CA PRO D 22 -1.21 7.75 0.02
C PRO D 22 0.27 8.01 0.36
N SER D 23 0.62 8.06 1.64
CA SER D 23 1.96 8.24 2.17
C SER D 23 2.68 6.91 2.36
N GLY D 24 2.00 5.78 2.16
CA GLY D 24 2.61 4.45 2.24
C GLY D 24 2.59 3.83 3.64
N ILE D 25 1.87 4.42 4.57
CA ILE D 25 1.79 3.97 5.96
C ILE D 25 0.53 3.13 6.13
N THR D 26 0.66 1.95 6.75
CA THR D 26 -0.44 0.98 6.86
C THR D 26 -1.11 1.00 8.22
N TYR D 27 -2.45 0.98 8.24
CA TYR D 27 -3.28 0.87 9.44
C TYR D 27 -4.31 -0.26 9.27
N ASP D 28 -4.78 -0.84 10.37
CA ASP D 28 -5.89 -1.80 10.33
C ASP D 28 -7.22 -1.10 10.01
N ARG D 29 -7.93 -1.53 8.95
CA ARG D 29 -9.13 -0.81 8.46
C ARG D 29 -10.10 -0.46 9.56
N LYS D 30 -10.53 -1.43 10.37
CA LYS D 30 -11.82 -1.25 11.07
C LYS D 30 -11.77 -0.10 12.07
N ASP D 31 -10.60 0.18 12.62
CA ASP D 31 -10.39 1.35 13.45
C ASP D 31 -10.03 2.59 12.61
N ILE D 32 -9.03 2.52 11.73
CA ILE D 32 -8.54 3.73 11.06
C ILE D 32 -9.60 4.37 10.15
N GLU D 33 -10.42 3.54 9.51
CA GLU D 33 -11.60 3.87 8.74
C GLU D 33 -12.55 4.74 9.57
N GLU D 34 -12.92 4.36 10.79
CA GLU D 34 -13.77 5.25 11.60
C GLU D 34 -12.94 6.42 12.17
N HIS D 35 -11.63 6.29 12.33
CA HIS D 35 -10.80 7.39 12.84
C HIS D 35 -10.79 8.58 11.88
N LEU D 36 -10.68 8.34 10.57
CA LEU D 36 -10.78 9.42 9.59
C LEU D 36 -12.13 10.14 9.71
N GLN D 37 -13.13 9.55 10.35
CA GLN D 37 -14.45 10.17 10.51
C GLN D 37 -14.66 10.76 11.91
N ARG D 38 -14.25 10.02 12.93
CA ARG D 38 -14.44 10.30 14.36
C ARG D 38 -13.27 11.02 14.99
N VAL D 39 -12.23 11.28 14.22
CA VAL D 39 -11.08 12.11 14.61
C VAL D 39 -10.83 13.21 13.57
N GLY D 40 -11.07 12.89 12.30
CA GLY D 40 -11.07 13.82 11.18
C GLY D 40 -10.24 13.38 9.99
N HIS D 41 -10.45 14.02 8.82
CA HIS D 41 -9.85 13.65 7.54
C HIS D 41 -8.36 14.01 7.39
N PHE D 42 -7.50 13.41 8.20
CA PHE D 42 -6.04 13.55 8.15
C PHE D 42 -5.26 12.29 8.58
N ASP D 43 -4.03 12.19 8.15
CA ASP D 43 -3.08 11.10 8.41
C ASP D 43 -2.59 11.14 9.84
N PRO D 44 -2.73 10.06 10.64
CA PRO D 44 -2.21 9.99 12.01
C PRO D 44 -0.78 10.45 12.25
N VAL D 45 0.15 10.14 11.35
CA VAL D 45 1.58 10.36 11.55
C VAL D 45 2.07 11.67 10.92
N THR D 46 1.70 11.96 9.66
CA THR D 46 2.13 13.16 8.92
C THR D 46 1.10 14.30 8.99
N ARG D 47 -0.14 14.02 9.44
CA ARG D 47 -1.24 15.00 9.58
C ARG D 47 -1.75 15.68 8.29
N SER D 48 -1.35 15.21 7.12
CA SER D 48 -1.88 15.78 5.86
C SER D 48 -3.32 15.32 5.60
N PRO D 49 -4.12 16.01 4.77
CA PRO D 49 -5.48 15.60 4.50
C PRO D 49 -5.56 14.16 4.00
N LEU D 50 -6.53 13.38 4.49
CA LEU D 50 -6.72 11.96 4.15
C LEU D 50 -8.17 11.48 4.33
N THR D 51 -8.78 10.90 3.30
CA THR D 51 -10.16 10.38 3.35
C THR D 51 -10.29 8.92 2.95
N GLN D 52 -11.52 8.41 3.12
CA GLN D 52 -12.01 7.07 2.78
C GLN D 52 -11.95 6.68 1.31
N GLU D 53 -11.91 7.64 0.38
CA GLU D 53 -11.69 7.38 -1.04
C GLU D 53 -10.20 7.17 -1.38
N GLN D 54 -9.30 7.53 -0.46
CA GLN D 54 -7.86 7.47 -0.71
C GLN D 54 -7.14 6.29 -0.05
N LEU D 55 -7.73 5.76 1.02
CA LEU D 55 -7.15 4.71 1.83
C LEU D 55 -7.56 3.38 1.18
N ILE D 56 -6.62 2.51 0.92
CA ILE D 56 -6.92 1.31 0.14
C ILE D 56 -6.42 0.07 0.84
N PRO D 57 -6.98 -1.12 0.57
CA PRO D 57 -6.48 -2.37 1.12
C PRO D 57 -5.01 -2.67 0.78
N ASN D 58 -4.26 -3.21 1.74
CA ASN D 58 -2.87 -3.65 1.52
C ASN D 58 -2.78 -5.18 1.41
N LEU D 59 -2.94 -5.73 0.21
CA LEU D 59 -3.09 -7.17 0.01
C LEU D 59 -1.82 -7.94 0.39
N ALA D 60 -0.67 -7.34 0.14
CA ALA D 60 0.61 -7.93 0.44
C ALA D 60 0.78 -8.11 1.95
N MET D 61 0.42 -7.11 2.73
CA MET D 61 0.48 -7.25 4.17
C MET D 61 -0.58 -8.22 4.67
N LYS D 62 -1.75 -8.30 4.04
CA LYS D 62 -2.79 -9.25 4.40
C LYS D 62 -2.23 -10.67 4.31
N GLU D 63 -1.50 -10.99 3.24
CA GLU D 63 -0.86 -12.29 3.13
C GLU D 63 0.22 -12.48 4.21
N VAL D 64 0.99 -11.44 4.53
CA VAL D 64 2.01 -11.54 5.59
C VAL D 64 1.39 -11.83 6.96
N ILE D 65 0.28 -11.20 7.29
CA ILE D 65 -0.40 -11.43 8.56
C ILE D 65 -0.91 -12.86 8.60
N ASP D 66 -1.52 -13.32 7.51
CA ASP D 66 -2.02 -14.68 7.43
C ASP D 66 -0.89 -15.68 7.68
N ALA D 67 0.33 -15.36 7.23
CA ALA D 67 1.52 -16.17 7.40
C ALA D 67 1.88 -16.45 8.87
N PHE D 68 1.40 -15.60 9.78
CA PHE D 68 1.56 -15.78 11.21
C PHE D 68 0.28 -16.26 11.89
N ILE D 69 -0.90 -15.77 11.51
CA ILE D 69 -2.17 -16.16 12.18
C ILE D 69 -2.41 -17.67 12.03
N SER D 70 -2.11 -18.19 10.84
CA SER D 70 -2.23 -19.58 10.45
C SER D 70 -1.35 -20.57 11.23
N GLU D 71 -0.28 -20.13 11.92
CA GLU D 71 0.62 -21.04 12.66
C GLU D 71 1.06 -20.55 14.05
N ASN D 72 1.27 -19.26 14.24
CA ASN D 72 1.92 -18.72 15.44
C ASN D 72 0.99 -18.61 16.66
N GLY D 73 1.56 -18.87 17.84
CA GLY D 73 0.88 -18.77 19.14
C GLY D 73 0.31 -17.40 19.50
N TRP D 74 0.68 -16.31 18.81
CA TRP D 74 0.10 -14.99 19.08
C TRP D 74 -1.43 -14.98 18.91
N VAL D 75 -1.98 -15.78 17.99
CA VAL D 75 -3.41 -15.94 17.73
C VAL D 75 -4.19 -14.61 17.78
N GLN E 1 -31.86 2.67 15.15
CA GLN E 1 -31.23 2.78 16.46
C GLN E 1 -30.43 1.53 16.86
N VAL E 2 -29.52 1.72 17.83
CA VAL E 2 -28.79 0.63 18.53
C VAL E 2 -29.16 0.70 20.02
N GLN E 3 -29.26 -0.43 20.72
CA GLN E 3 -29.69 -0.50 22.13
C GLN E 3 -28.77 -1.42 22.95
N LEU E 4 -28.67 -1.21 24.25
CA LEU E 4 -28.05 -2.16 25.18
C LEU E 4 -29.01 -2.54 26.32
N GLN E 5 -28.87 -3.74 26.87
CA GLN E 5 -29.65 -4.20 28.03
C GLN E 5 -28.77 -4.87 29.10
N GLN E 6 -28.78 -4.31 30.32
CA GLN E 6 -28.00 -4.72 31.50
C GLN E 6 -28.85 -5.54 32.49
N TRP E 7 -28.18 -6.34 33.33
CA TRP E 7 -28.76 -7.07 34.45
C TRP E 7 -28.93 -6.21 35.71
N GLY E 8 -29.98 -6.47 36.49
CA GLY E 8 -30.27 -5.83 37.78
C GLY E 8 -29.52 -6.41 38.98
N ALA E 9 -30.12 -6.33 40.16
CA ALA E 9 -29.56 -6.74 41.45
C ALA E 9 -28.16 -6.17 41.73
N GLY E 10 -27.15 -7.00 41.96
CA GLY E 10 -25.76 -6.60 42.18
C GLY E 10 -25.32 -6.60 43.65
N LEU E 11 -26.12 -7.24 44.50
CA LEU E 11 -25.89 -7.40 45.95
C LEU E 11 -25.08 -8.68 46.26
N LEU E 12 -23.90 -8.51 46.86
CA LEU E 12 -22.94 -9.55 47.24
C LEU E 12 -22.50 -9.37 48.72
N LYS E 13 -21.86 -10.38 49.29
CA LYS E 13 -21.16 -10.33 50.59
C LYS E 13 -19.65 -10.16 50.35
N PRO E 14 -18.86 -9.63 51.29
CA PRO E 14 -17.42 -9.49 51.12
C PRO E 14 -16.71 -10.80 50.72
N SER E 15 -15.70 -10.67 49.86
CA SER E 15 -14.92 -11.73 49.21
C SER E 15 -15.62 -12.57 48.13
N GLU E 16 -16.89 -12.32 47.78
CA GLU E 16 -17.54 -13.00 46.65
C GLU E 16 -17.17 -12.43 45.27
N THR E 17 -17.70 -13.05 44.23
CA THR E 17 -17.50 -12.72 42.82
C THR E 17 -18.83 -12.40 42.15
N LEU E 18 -18.92 -11.29 41.42
CA LEU E 18 -20.10 -10.91 40.63
C LEU E 18 -19.94 -11.28 39.14
N SER E 19 -20.86 -12.02 38.53
CA SER E 19 -20.79 -12.38 37.09
C SER E 19 -22.07 -12.05 36.33
N LEU E 20 -22.00 -11.15 35.35
CA LEU E 20 -23.13 -10.71 34.52
C LEU E 20 -22.68 -10.25 33.13
N THR E 21 -23.64 -10.00 32.24
CA THR E 21 -23.44 -9.55 30.87
C THR E 21 -24.27 -8.29 30.57
N CYS E 22 -23.93 -7.58 29.50
CA CYS E 22 -24.83 -6.58 28.91
C CYS E 22 -25.09 -6.97 27.44
N ALA E 23 -26.35 -7.07 27.02
CA ALA E 23 -26.72 -7.50 25.68
C ALA E 23 -26.55 -6.37 24.65
N VAL E 24 -26.05 -6.72 23.46
CA VAL E 24 -25.83 -5.82 22.31
C VAL E 24 -26.86 -6.07 21.21
N TYR E 25 -27.60 -5.02 20.83
CA TYR E 25 -28.66 -5.04 19.81
C TYR E 25 -28.29 -4.07 18.66
N GLY E 26 -28.26 -4.54 17.41
CA GLY E 26 -27.99 -3.70 16.23
C GLY E 26 -26.52 -3.67 15.78
N GLY E 27 -25.69 -4.56 16.32
CA GLY E 27 -24.26 -4.65 16.02
C GLY E 27 -23.57 -5.69 16.92
N SER E 28 -22.25 -5.73 16.85
CA SER E 28 -21.39 -6.62 17.65
C SER E 28 -20.03 -5.95 17.87
N PHE E 29 -19.13 -6.60 18.61
CA PHE E 29 -17.88 -5.97 19.03
C PHE E 29 -17.06 -5.31 17.91
N SER E 30 -16.80 -6.03 16.82
CA SER E 30 -15.80 -5.61 15.84
C SER E 30 -16.13 -4.24 15.24
N GLY E 31 -15.10 -3.42 15.10
CA GLY E 31 -15.16 -2.07 14.52
C GLY E 31 -15.40 -0.95 15.52
N TYR E 32 -15.58 -1.25 16.82
CA TYR E 32 -15.79 -0.24 17.85
C TYR E 32 -15.13 -0.64 19.18
N TYR E 33 -14.79 0.32 20.04
CA TYR E 33 -14.63 0.04 21.45
C TYR E 33 -15.98 -0.29 22.01
N TRP E 34 -15.94 -1.11 23.04
CA TRP E 34 -17.13 -1.36 23.87
C TRP E 34 -16.65 -1.41 25.31
N SER E 35 -17.26 -0.64 26.20
CA SER E 35 -16.72 -0.42 27.54
C SER E 35 -17.78 -0.17 28.59
N TRP E 36 -17.34 -0.15 29.83
CA TRP E 36 -18.20 0.17 30.94
C TRP E 36 -17.77 1.48 31.58
N ILE E 37 -18.60 1.98 32.47
CA ILE E 37 -18.22 3.04 33.39
C ILE E 37 -19.06 2.85 34.64
N ARG E 38 -18.68 3.48 35.74
CA ARG E 38 -19.45 3.42 36.98
C ARG E 38 -19.64 4.78 37.61
N GLN E 39 -20.72 4.98 38.34
CA GLN E 39 -20.97 6.18 39.16
C GLN E 39 -21.33 5.82 40.62
N PRO E 40 -20.43 6.02 41.59
CA PRO E 40 -20.80 5.89 42.99
C PRO E 40 -21.86 6.95 43.33
N PRO E 41 -22.91 6.62 44.10
CA PRO E 41 -23.96 7.56 44.49
C PRO E 41 -23.42 8.82 45.16
N GLY E 42 -23.84 9.99 44.66
CA GLY E 42 -23.41 11.29 45.19
C GLY E 42 -22.14 11.80 44.53
N LYS E 43 -21.45 10.94 43.78
CA LYS E 43 -20.26 11.31 43.00
C LYS E 43 -20.55 11.20 41.50
N GLY E 44 -19.53 11.53 40.69
CA GLY E 44 -19.53 11.44 39.22
C GLY E 44 -19.08 10.08 38.67
N LEU E 45 -18.85 10.05 37.37
CA LEU E 45 -18.43 8.86 36.65
C LEU E 45 -16.94 8.53 36.93
N GLU E 46 -16.60 7.25 37.03
CA GLU E 46 -15.25 6.74 37.11
C GLU E 46 -15.01 5.65 36.06
N TRP E 47 -13.80 5.65 35.54
CA TRP E 47 -13.33 4.92 34.37
C TRP E 47 -13.43 3.41 34.50
N ILE E 48 -14.06 2.77 33.50
CA ILE E 48 -13.95 1.34 33.20
C ILE E 48 -13.94 1.20 31.67
N GLY E 49 -13.22 2.13 31.04
CA GLY E 49 -13.37 2.52 29.64
C GLY E 49 -12.67 1.67 28.57
N GLU E 50 -11.93 2.37 27.68
CA GLU E 50 -11.35 1.91 26.39
C GLU E 50 -10.84 0.46 26.41
N ILE E 51 -11.33 -0.38 25.50
CA ILE E 51 -11.02 -1.79 25.48
C ILE E 51 -9.97 -2.08 24.42
N ASN E 52 -8.98 -2.86 24.79
CA ASN E 52 -7.96 -3.35 23.89
C ASN E 52 -8.05 -4.89 23.92
N HIS E 53 -8.58 -5.53 22.86
CA HIS E 53 -8.90 -6.98 22.86
C HIS E 53 -9.86 -7.33 24.01
N SER E 54 -9.56 -8.29 24.90
CA SER E 54 -10.48 -8.66 25.98
C SER E 54 -10.39 -7.76 27.23
N GLY E 55 -9.24 -7.11 27.44
CA GLY E 55 -8.95 -6.23 28.56
C GLY E 55 -8.62 -4.82 28.08
N SER E 56 -7.60 -4.16 28.65
CA SER E 56 -7.18 -2.83 28.22
C SER E 56 -5.72 -2.54 28.61
N THR E 57 -4.99 -1.81 27.78
CA THR E 57 -3.66 -1.27 28.03
C THR E 57 -3.68 0.24 28.22
N ASN E 58 -4.87 0.83 28.28
CA ASN E 58 -5.08 2.27 28.37
C ASN E 58 -6.15 2.56 29.45
N TYR E 59 -5.72 2.58 30.72
CA TYR E 59 -6.58 2.67 31.89
C TYR E 59 -6.20 3.80 32.83
N ASN E 60 -7.01 3.98 33.87
CA ASN E 60 -6.77 4.94 34.93
C ASN E 60 -5.79 4.36 35.98
N PRO E 61 -4.53 4.86 36.13
CA PRO E 61 -3.64 4.18 37.07
C PRO E 61 -4.18 4.17 38.50
N SER E 62 -5.10 5.08 38.84
CA SER E 62 -5.68 5.22 40.18
C SER E 62 -6.79 4.22 40.52
N LEU E 63 -7.35 3.49 39.55
CA LEU E 63 -8.45 2.58 39.80
C LEU E 63 -8.04 1.10 39.69
N LYS E 64 -7.16 0.75 38.76
CA LYS E 64 -6.79 -0.65 38.48
C LYS E 64 -5.72 -1.22 39.43
N SER E 65 -6.06 -1.30 40.72
CA SER E 65 -5.26 -1.87 41.79
C SER E 65 -6.05 -2.94 42.53
N ARG E 66 -6.96 -2.53 43.44
CA ARG E 66 -7.89 -3.42 44.18
C ARG E 66 -8.71 -4.24 43.20
N VAL E 67 -8.71 -5.56 43.37
CA VAL E 67 -9.36 -6.51 42.46
C VAL E 67 -9.36 -5.99 41.00
N THR E 68 -8.27 -5.31 40.63
CA THR E 68 -8.02 -4.59 39.36
C THR E 68 -9.25 -4.13 38.56
N ILE E 69 -10.27 -3.63 39.26
CA ILE E 69 -11.57 -3.28 38.69
C ILE E 69 -11.91 -4.23 37.50
N SER E 70 -11.80 -5.55 37.70
CA SER E 70 -11.85 -6.53 36.62
C SER E 70 -13.19 -6.75 35.91
N VAL E 71 -13.78 -5.73 35.29
CA VAL E 71 -15.02 -5.95 34.54
C VAL E 71 -14.70 -6.63 33.20
N ASP E 72 -13.88 -5.98 32.36
CA ASP E 72 -13.33 -6.53 31.10
C ASP E 72 -14.43 -7.13 30.18
N THR E 73 -14.10 -8.02 29.24
CA THR E 73 -15.09 -8.72 28.38
C THR E 73 -14.89 -10.22 28.30
N SER E 74 -15.88 -10.90 27.72
CA SER E 74 -15.85 -12.33 27.40
C SER E 74 -15.88 -12.51 25.89
N LYS E 75 -14.76 -12.94 25.31
CA LYS E 75 -14.57 -13.06 23.86
C LYS E 75 -14.89 -11.74 23.16
N ASN E 76 -14.48 -10.65 23.80
CA ASN E 76 -14.66 -9.26 23.39
C ASN E 76 -16.12 -8.79 23.41
N GLN E 77 -17.10 -9.59 23.86
CA GLN E 77 -18.46 -9.10 24.08
C GLN E 77 -18.69 -8.71 25.55
N PHE E 78 -19.69 -7.86 25.78
CA PHE E 78 -19.98 -7.29 27.10
C PHE E 78 -20.06 -8.36 28.22
N SER E 79 -19.32 -8.11 29.30
CA SER E 79 -19.36 -8.92 30.52
C SER E 79 -18.78 -8.16 31.71
N LEU E 80 -18.98 -8.67 32.92
CA LEU E 80 -18.38 -8.21 34.16
C LEU E 80 -17.98 -9.43 34.99
N LYS E 81 -16.75 -9.47 35.51
CA LYS E 81 -16.31 -10.54 36.43
C LYS E 81 -15.44 -10.01 37.58
N LEU E 82 -16.08 -9.45 38.60
CA LEU E 82 -15.42 -8.79 39.71
C LEU E 82 -15.31 -9.72 40.91
N SER E 83 -14.08 -10.13 41.21
CA SER E 83 -13.82 -11.12 42.25
C SER E 83 -13.35 -10.50 43.56
N SER E 84 -13.43 -11.30 44.62
CA SER E 84 -12.99 -10.94 45.97
C SER E 84 -13.37 -9.51 46.40
N VAL E 85 -14.64 -9.17 46.23
CA VAL E 85 -15.25 -7.83 46.33
C VAL E 85 -15.43 -7.27 47.76
N THR E 86 -15.35 -5.94 47.95
CA THR E 86 -15.56 -5.27 49.24
C THR E 86 -16.55 -4.10 49.16
N ALA E 87 -16.94 -3.54 50.31
CA ALA E 87 -17.94 -2.47 50.38
C ALA E 87 -17.56 -1.21 49.58
N ALA E 88 -16.27 -0.88 49.50
CA ALA E 88 -15.74 0.27 48.77
C ALA E 88 -15.92 0.17 47.23
N ASP E 89 -16.33 -0.99 46.71
CA ASP E 89 -16.55 -1.21 45.28
C ASP E 89 -18.00 -0.90 44.86
N THR E 90 -18.83 -0.45 45.80
CA THR E 90 -20.21 -0.10 45.52
C THR E 90 -20.30 1.06 44.53
N ALA E 91 -21.09 0.90 43.47
CA ALA E 91 -21.43 1.94 42.47
C ALA E 91 -22.50 1.40 41.49
N VAL E 92 -23.10 2.28 40.67
CA VAL E 92 -23.95 1.90 39.53
C VAL E 92 -23.10 1.78 38.27
N TYR E 93 -23.10 0.60 37.68
CA TYR E 93 -22.24 0.27 36.55
C TYR E 93 -23.03 0.33 35.25
N TYR E 94 -22.52 0.99 34.23
CA TYR E 94 -23.16 1.14 32.92
C TYR E 94 -22.35 0.49 31.81
N CYS E 95 -23.00 -0.02 30.75
CA CYS E 95 -22.35 -0.47 29.50
C CYS E 95 -22.57 0.54 28.35
N ALA E 96 -21.58 0.73 27.46
CA ALA E 96 -21.71 1.58 26.27
C ALA E 96 -20.73 1.30 25.10
N ARG E 97 -21.07 1.69 23.86
CA ARG E 97 -20.16 1.78 22.67
C ARG E 97 -19.54 3.18 22.57
N GLY E 98 -18.50 3.37 21.75
CA GLY E 98 -17.94 4.68 21.37
C GLY E 98 -17.05 4.64 20.12
N GLY E 99 -15.95 5.41 20.10
CA GLY E 99 -14.90 5.33 19.07
C GLY E 99 -13.87 4.21 19.30
N VAL E 100 -12.64 4.36 18.77
CA VAL E 100 -11.55 3.37 18.73
C VAL E 100 -10.17 4.01 18.48
N GLY E 101 -9.10 3.23 18.69
CA GLY E 101 -7.71 3.56 18.39
C GLY E 101 -6.89 3.25 19.63
N ARG E 102 -6.14 4.23 20.13
CA ARG E 102 -5.81 4.32 21.57
C ARG E 102 -6.63 5.47 22.19
N VAL E 103 -7.82 5.65 21.61
CA VAL E 103 -8.62 6.86 21.53
C VAL E 103 -10.08 6.51 21.69
N ARG E 104 -10.87 7.22 22.51
CA ARG E 104 -12.33 7.02 22.61
C ARG E 104 -13.14 7.44 21.37
N GLY E 105 -12.48 7.82 20.27
CA GLY E 105 -13.03 8.78 19.30
C GLY E 105 -13.33 10.07 20.07
N ASP E 106 -14.59 10.49 20.06
CA ASP E 106 -15.13 11.29 21.18
C ASP E 106 -16.55 10.82 21.55
N SER E 107 -17.30 10.19 20.64
CA SER E 107 -18.64 9.69 20.92
C SER E 107 -18.68 8.44 21.81
N MET E 108 -19.78 8.29 22.53
CA MET E 108 -20.20 7.05 23.21
C MET E 108 -21.60 6.68 22.76
N ASP E 109 -21.67 6.02 21.62
CA ASP E 109 -22.89 6.01 20.79
C ASP E 109 -24.15 5.44 21.45
N VAL E 110 -24.03 4.37 22.23
CA VAL E 110 -25.16 3.67 22.86
C VAL E 110 -24.83 3.36 24.30
N TRP E 111 -25.86 3.33 25.14
CA TRP E 111 -25.76 3.10 26.58
C TRP E 111 -26.81 2.11 27.09
N GLY E 112 -26.49 1.46 28.20
CA GLY E 112 -27.40 0.64 29.00
C GLY E 112 -28.08 1.39 30.13
N GLN E 113 -28.72 0.63 31.02
CA GLN E 113 -29.59 1.09 32.10
C GLN E 113 -28.89 1.35 33.44
N GLY E 114 -27.80 0.62 33.75
CA GLY E 114 -27.13 0.71 35.03
C GLY E 114 -27.46 -0.45 35.97
N THR E 115 -26.43 -1.08 36.52
CA THR E 115 -26.53 -2.20 37.46
C THR E 115 -26.30 -1.68 38.86
N THR E 116 -27.25 -1.92 39.77
CA THR E 116 -27.18 -1.38 41.12
C THR E 116 -26.32 -2.28 41.99
N VAL E 117 -24.98 -2.42 41.94
CA VAL E 117 -24.00 -3.29 42.58
C VAL E 117 -23.74 -2.76 43.98
N THR E 118 -23.93 -3.58 44.99
CA THR E 118 -23.64 -3.21 46.37
C THR E 118 -23.28 -4.41 47.23
N VAL E 119 -22.44 -4.18 48.23
CA VAL E 119 -21.88 -5.28 49.05
C VAL E 119 -21.98 -4.97 50.55
N SER E 120 -22.52 -5.88 51.37
CA SER E 120 -22.56 -5.73 52.84
C SER E 120 -22.86 -7.03 53.58
N SER E 121 -22.13 -7.29 54.67
CA SER E 121 -22.36 -8.40 55.61
C SER E 121 -23.25 -8.02 56.79
N ALA E 122 -23.61 -6.73 56.94
CA ALA E 122 -24.29 -6.24 58.13
C ALA E 122 -25.77 -6.67 58.16
N SER E 123 -26.31 -6.91 59.35
CA SER E 123 -27.77 -7.03 59.52
C SER E 123 -28.42 -5.65 59.47
N THR E 124 -29.75 -5.58 59.37
CA THR E 124 -30.47 -4.30 59.33
C THR E 124 -30.40 -3.60 60.68
N LYS E 125 -30.13 -2.29 60.67
CA LYS E 125 -29.87 -1.50 61.88
C LYS E 125 -30.87 -0.35 62.02
N GLY E 126 -31.55 -0.28 63.16
CA GLY E 126 -32.45 0.83 63.51
C GLY E 126 -31.72 2.13 63.85
N PRO E 127 -32.39 3.29 63.68
CA PRO E 127 -31.83 4.62 63.94
C PRO E 127 -31.74 4.98 65.43
N SER E 128 -30.86 5.93 65.71
CA SER E 128 -30.90 6.77 66.92
C SER E 128 -31.89 7.92 66.69
N VAL E 129 -32.95 8.04 67.50
CA VAL E 129 -34.06 8.99 67.28
C VAL E 129 -34.12 10.07 68.35
N PHE E 130 -34.07 11.35 67.97
CA PHE E 130 -34.08 12.49 68.91
C PHE E 130 -35.11 13.56 68.49
N PRO E 131 -35.82 14.21 69.42
CA PRO E 131 -36.80 15.25 69.08
C PRO E 131 -36.10 16.56 68.65
N LEU E 132 -36.73 17.37 67.80
CA LEU E 132 -36.29 18.74 67.43
C LEU E 132 -37.42 19.76 67.66
N ALA E 133 -37.22 20.76 68.52
CA ALA E 133 -38.21 21.81 68.84
C ALA E 133 -37.70 23.24 68.51
N PRO E 134 -38.60 24.18 68.15
CA PRO E 134 -38.28 25.59 67.92
C PRO E 134 -37.98 26.35 69.22
N SER E 135 -37.18 27.43 69.13
CA SER E 135 -36.83 28.27 70.28
C SER E 135 -37.89 29.33 70.65
N SER E 136 -38.71 29.77 69.69
CA SER E 136 -39.75 30.79 69.88
C SER E 136 -40.73 30.81 68.71
N LYS E 137 -41.91 31.43 68.87
CA LYS E 137 -42.83 31.66 67.75
C LYS E 137 -42.28 32.64 66.70
N SER E 138 -41.54 33.67 67.12
CA SER E 138 -40.93 34.62 66.18
C SER E 138 -39.91 33.92 65.28
N THR E 139 -38.96 33.16 65.85
CA THR E 139 -37.89 32.52 65.08
C THR E 139 -38.37 31.32 64.26
N SER E 140 -39.48 30.67 64.64
CA SER E 140 -40.09 29.58 63.85
C SER E 140 -40.95 30.06 62.66
N GLY E 141 -41.21 31.37 62.54
CA GLY E 141 -42.02 31.93 61.46
C GLY E 141 -43.51 32.08 61.77
N GLY E 142 -43.88 32.28 63.03
CA GLY E 142 -45.27 32.49 63.48
C GLY E 142 -45.98 31.17 63.80
N THR E 143 -46.08 30.27 62.81
CA THR E 143 -46.56 28.91 63.02
C THR E 143 -45.50 28.07 63.76
N ALA E 144 -45.88 26.89 64.25
CA ALA E 144 -44.96 26.00 64.96
C ALA E 144 -44.34 24.96 64.02
N ALA E 145 -43.03 25.09 63.76
CA ALA E 145 -42.23 24.16 62.96
C ALA E 145 -41.58 23.12 63.90
N LEU E 146 -42.11 21.90 63.93
CA LEU E 146 -41.67 20.81 64.81
C LEU E 146 -40.98 19.73 63.97
N GLY E 147 -39.97 19.05 64.51
CA GLY E 147 -39.28 18.00 63.77
C GLY E 147 -38.67 16.88 64.61
N CYS E 148 -37.87 16.04 63.95
CA CYS E 148 -37.18 14.91 64.56
C CYS E 148 -35.95 14.51 63.72
N LEU E 149 -34.85 14.17 64.41
CA LEU E 149 -33.57 13.71 63.87
C LEU E 149 -33.50 12.18 63.92
N VAL E 150 -33.29 11.56 62.75
CA VAL E 150 -33.20 10.11 62.59
C VAL E 150 -31.86 9.75 61.96
N LYS E 151 -30.93 9.19 62.72
CA LYS E 151 -29.53 9.10 62.27
C LYS E 151 -28.88 7.74 62.50
N ASP E 152 -27.77 7.47 61.80
CA ASP E 152 -26.96 6.25 61.96
C ASP E 152 -27.77 4.94 61.78
N TYR E 153 -28.50 4.81 60.68
CA TYR E 153 -29.31 3.63 60.39
C TYR E 153 -29.03 3.10 58.97
N PHE E 154 -29.34 1.84 58.74
CA PHE E 154 -29.13 1.18 57.45
C PHE E 154 -30.06 -0.03 57.31
N PRO E 155 -30.69 -0.28 56.16
CA PRO E 155 -30.60 0.46 54.89
C PRO E 155 -31.42 1.77 54.90
N GLU E 156 -31.38 2.49 53.78
CA GLU E 156 -31.98 3.81 53.55
C GLU E 156 -33.46 4.00 53.95
N PRO E 157 -34.39 3.06 53.68
CA PRO E 157 -35.81 3.30 53.96
C PRO E 157 -36.11 3.42 55.47
N VAL E 158 -36.94 4.38 55.86
CA VAL E 158 -37.47 4.52 57.23
C VAL E 158 -38.78 5.33 57.23
N THR E 159 -39.73 4.93 58.08
CA THR E 159 -41.04 5.57 58.20
C THR E 159 -41.02 6.57 59.34
N VAL E 160 -41.35 7.83 59.09
CA VAL E 160 -41.46 8.86 60.13
C VAL E 160 -42.80 9.57 60.02
N SER E 161 -43.59 9.53 61.08
CA SER E 161 -44.94 10.05 61.21
C SER E 161 -45.13 10.68 62.60
N TRP E 162 -46.33 11.13 62.94
CA TRP E 162 -46.58 11.80 64.22
C TRP E 162 -47.88 11.32 64.87
N ASN E 163 -47.93 11.41 66.20
CA ASN E 163 -49.09 11.12 67.06
C ASN E 163 -49.76 9.78 66.72
N SER E 164 -48.94 8.73 66.55
CA SER E 164 -49.38 7.37 66.23
C SER E 164 -50.31 7.30 65.00
N GLY E 165 -50.04 8.12 63.98
CA GLY E 165 -50.80 8.20 62.73
C GLY E 165 -51.90 9.27 62.72
N ALA E 166 -52.23 9.89 63.85
CA ALA E 166 -53.25 10.93 63.93
C ALA E 166 -52.86 12.25 63.24
N LEU E 167 -51.56 12.59 63.20
CA LEU E 167 -51.03 13.82 62.60
C LEU E 167 -50.16 13.49 61.37
N THR E 168 -50.77 13.52 60.17
CA THR E 168 -50.11 13.18 58.90
C THR E 168 -50.25 14.26 57.83
N SER E 169 -51.31 15.07 57.85
CA SER E 169 -51.65 16.02 56.77
C SER E 169 -50.63 17.15 56.60
N GLY E 170 -49.95 17.55 57.68
CA GLY E 170 -48.89 18.58 57.66
C GLY E 170 -47.46 18.05 57.77
N VAL E 171 -47.24 16.74 57.64
CA VAL E 171 -45.93 16.08 57.86
C VAL E 171 -45.16 15.96 56.56
N HIS E 172 -43.91 16.43 56.58
CA HIS E 172 -42.97 16.34 55.46
C HIS E 172 -41.68 15.56 55.80
N THR E 173 -41.24 14.71 54.88
CA THR E 173 -40.03 13.89 55.00
C THR E 173 -38.90 14.45 54.13
N PHE E 174 -37.71 14.67 54.70
CA PHE E 174 -36.51 15.03 53.94
C PHE E 174 -35.82 13.75 53.40
N PRO E 175 -35.14 13.79 52.24
CA PRO E 175 -34.33 12.67 51.73
C PRO E 175 -33.19 12.21 52.65
N ALA E 176 -32.96 10.90 52.69
CA ALA E 176 -31.83 10.30 53.40
C ALA E 176 -30.51 10.52 52.63
N VAL E 177 -29.41 10.74 53.35
CA VAL E 177 -28.06 10.84 52.77
C VAL E 177 -27.16 9.74 53.32
N LEU E 178 -26.37 9.10 52.45
CA LEU E 178 -25.40 8.06 52.77
C LEU E 178 -24.02 8.66 53.09
N GLN E 179 -23.45 8.31 54.24
CA GLN E 179 -22.13 8.81 54.64
C GLN E 179 -21.01 7.77 54.42
N SER E 180 -19.76 8.17 54.64
CA SER E 180 -18.60 7.27 54.50
C SER E 180 -18.62 6.07 55.46
N SER E 181 -19.42 6.12 56.53
CA SER E 181 -19.56 5.00 57.47
C SER E 181 -20.44 3.86 56.97
N GLY E 182 -21.18 4.09 55.87
CA GLY E 182 -22.16 3.16 55.32
C GLY E 182 -23.58 3.35 55.86
N LEU E 183 -23.77 4.23 56.85
CA LEU E 183 -25.07 4.52 57.45
C LEU E 183 -25.70 5.79 56.87
N TYR E 184 -27.02 5.89 57.03
CA TYR E 184 -27.84 7.00 56.57
C TYR E 184 -28.27 8.01 57.65
N SER E 185 -28.49 9.26 57.23
CA SER E 185 -29.09 10.33 58.05
C SER E 185 -30.34 10.90 57.37
N LEU E 186 -31.41 11.07 58.15
CA LEU E 186 -32.72 11.60 57.73
C LEU E 186 -33.36 12.48 58.83
N SER E 187 -34.22 13.41 58.44
CA SER E 187 -35.04 14.22 59.34
C SER E 187 -36.45 14.41 58.80
N SER E 188 -37.36 14.87 59.65
CA SER E 188 -38.71 15.32 59.24
C SER E 188 -39.08 16.63 59.93
N VAL E 189 -40.02 17.35 59.32
CA VAL E 189 -40.70 18.52 59.87
C VAL E 189 -42.20 18.40 59.66
N VAL E 190 -42.98 18.82 60.65
CA VAL E 190 -44.44 18.95 60.60
C VAL E 190 -44.83 20.36 61.03
N THR E 191 -45.78 21.00 60.35
CA THR E 191 -46.25 22.35 60.73
C THR E 191 -47.65 22.32 61.34
N VAL E 192 -47.81 22.89 62.55
CA VAL E 192 -49.06 22.91 63.33
C VAL E 192 -49.38 24.33 63.85
N PRO E 193 -50.63 24.62 64.26
CA PRO E 193 -50.99 25.92 64.81
C PRO E 193 -50.11 26.27 66.01
N SER E 194 -49.61 27.50 66.09
CA SER E 194 -48.68 27.91 67.16
C SER E 194 -49.31 27.87 68.56
N SER E 195 -50.64 27.88 68.66
CA SER E 195 -51.39 27.76 69.92
C SER E 195 -51.21 26.39 70.59
N SER E 196 -50.76 25.37 69.84
CA SER E 196 -50.54 24.04 70.40
C SER E 196 -49.19 23.91 71.13
N LEU E 197 -48.23 24.85 70.96
CA LEU E 197 -46.90 24.75 71.60
C LEU E 197 -47.01 24.70 73.14
N GLY E 198 -47.96 25.44 73.71
CA GLY E 198 -48.21 25.48 75.14
C GLY E 198 -49.46 24.69 75.57
N THR E 199 -50.02 23.89 74.67
CA THR E 199 -51.25 23.12 74.90
C THR E 199 -51.03 21.61 74.79
N GLN E 200 -50.43 21.14 73.69
CA GLN E 200 -50.27 19.72 73.37
C GLN E 200 -48.83 19.41 72.98
N THR E 201 -48.15 18.56 73.75
CA THR E 201 -46.81 18.07 73.39
C THR E 201 -46.98 17.01 72.29
N TYR E 202 -46.17 17.09 71.23
CA TYR E 202 -46.28 16.21 70.07
C TYR E 202 -45.31 15.03 70.11
N ILE E 203 -45.77 13.88 69.61
CA ILE E 203 -44.98 12.64 69.55
C ILE E 203 -44.63 12.36 68.09
N CYS E 204 -43.33 12.21 67.82
CA CYS E 204 -42.84 11.75 66.54
C CYS E 204 -42.55 10.25 66.66
N ASN E 205 -43.10 9.47 65.74
CA ASN E 205 -43.07 8.02 65.67
C ASN E 205 -42.14 7.58 64.53
N VAL E 206 -40.96 7.02 64.83
CA VAL E 206 -40.00 6.57 63.81
C VAL E 206 -39.90 5.05 63.78
N ASN E 207 -40.22 4.41 62.64
CA ASN E 207 -40.26 2.95 62.49
C ASN E 207 -39.38 2.45 61.31
N HIS E 208 -38.21 1.89 61.62
CA HIS E 208 -37.28 1.32 60.61
C HIS E 208 -37.72 -0.10 60.24
N LYS E 209 -38.62 -0.22 59.25
CA LYS E 209 -39.23 -1.49 58.82
C LYS E 209 -38.22 -2.61 58.49
N PRO E 210 -37.05 -2.35 57.85
CA PRO E 210 -36.06 -3.40 57.58
C PRO E 210 -35.54 -4.12 58.82
N SER E 211 -35.66 -3.47 59.99
CA SER E 211 -35.23 -4.04 61.28
C SER E 211 -36.37 -4.19 62.30
N ASN E 212 -37.58 -3.70 62.04
CA ASN E 212 -38.64 -3.57 63.05
C ASN E 212 -38.24 -2.71 64.28
N THR E 213 -37.51 -1.61 64.10
CA THR E 213 -37.13 -0.74 65.22
C THR E 213 -38.02 0.50 65.28
N LYS E 214 -38.85 0.59 66.32
CA LYS E 214 -39.83 1.65 66.54
C LYS E 214 -39.50 2.46 67.80
N VAL E 215 -39.07 3.71 67.64
CA VAL E 215 -38.70 4.60 68.74
C VAL E 215 -39.46 5.92 68.64
N ASP E 216 -40.26 6.29 69.65
CA ASP E 216 -40.98 7.57 69.66
C ASP E 216 -40.34 8.56 70.64
N LYS E 217 -40.43 9.87 70.37
CA LYS E 217 -39.90 10.97 71.19
C LYS E 217 -40.91 12.12 71.28
N LYS E 218 -40.93 12.85 72.39
CA LYS E 218 -41.83 14.01 72.61
C LYS E 218 -41.15 15.36 72.32
N VAL E 219 -41.84 16.20 71.55
CA VAL E 219 -41.36 17.48 71.02
C VAL E 219 -42.15 18.66 71.62
N GLU E 220 -41.45 19.51 72.37
CA GLU E 220 -41.95 20.75 72.98
C GLU E 220 -40.79 21.77 73.07
N PRO E 221 -41.03 23.09 73.09
CA PRO E 221 -39.97 24.08 73.30
C PRO E 221 -39.40 24.08 74.73
N LYS E 222 -38.09 24.34 74.87
CA LYS E 222 -37.30 24.43 76.12
C LYS E 222 -36.37 25.65 76.10
N PRO F 1 -8.69 14.76 32.41
CA PRO F 1 -8.81 15.85 31.45
C PRO F 1 -7.81 16.99 31.71
N VAL F 2 -8.10 18.18 31.19
CA VAL F 2 -7.28 19.39 31.38
C VAL F 2 -8.01 20.48 32.18
N LEU F 3 -9.19 20.90 31.73
CA LEU F 3 -10.07 21.86 32.41
C LEU F 3 -11.41 21.23 32.79
N THR F 4 -12.00 21.67 33.92
CA THR F 4 -13.27 21.19 34.50
C THR F 4 -14.48 21.95 33.91
N GLN F 5 -15.72 21.51 34.12
CA GLN F 5 -16.90 22.26 33.64
C GLN F 5 -17.57 23.04 34.77
N PRO F 6 -18.31 24.12 34.47
CA PRO F 6 -19.12 24.82 35.46
C PRO F 6 -20.12 23.83 36.09
N PRO F 7 -20.24 23.77 37.42
CA PRO F 7 -21.15 22.84 38.11
C PRO F 7 -22.61 22.80 37.65
N SER F 8 -23.24 23.91 37.25
CA SER F 8 -24.65 23.96 36.83
C SER F 8 -24.98 25.20 35.98
N VAL F 9 -26.08 25.15 35.23
CA VAL F 9 -26.74 26.25 34.51
C VAL F 9 -28.24 26.28 34.86
N SER F 10 -28.82 27.46 35.09
CA SER F 10 -30.24 27.60 35.40
C SER F 10 -30.90 28.67 34.57
N LYS F 11 -31.89 28.27 33.76
CA LYS F 11 -32.65 29.07 32.79
C LYS F 11 -34.13 28.65 32.85
N ALA F 12 -35.10 29.39 32.30
CA ALA F 12 -36.54 29.13 32.52
C ALA F 12 -37.27 28.36 31.40
N LEU F 13 -38.51 27.95 31.69
CA LEU F 13 -39.41 27.24 30.78
C LEU F 13 -39.55 27.97 29.43
N ARG F 14 -39.30 27.23 28.36
CA ARG F 14 -39.30 27.64 26.95
C ARG F 14 -38.12 28.54 26.52
N GLN F 15 -37.15 28.80 27.41
CA GLN F 15 -35.93 29.52 27.07
C GLN F 15 -34.85 28.62 26.45
N THR F 16 -33.71 29.20 26.09
CA THR F 16 -32.57 28.46 25.56
C THR F 16 -31.46 28.33 26.58
N ALA F 17 -31.10 27.10 26.95
CA ALA F 17 -30.00 26.90 27.89
C ALA F 17 -28.66 26.87 27.14
N THR F 18 -27.62 27.43 27.74
CA THR F 18 -26.25 27.48 27.21
C THR F 18 -25.33 26.70 28.13
N LEU F 19 -24.67 25.68 27.60
CA LEU F 19 -23.76 24.83 28.35
C LEU F 19 -22.36 24.84 27.75
N THR F 20 -21.38 25.33 28.50
CA THR F 20 -20.01 25.58 28.01
C THR F 20 -19.09 24.38 28.29
N CYS F 21 -17.95 24.30 27.59
CA CYS F 21 -16.99 23.20 27.69
C CYS F 21 -15.63 23.67 27.15
N THR F 22 -14.57 23.55 27.97
CA THR F 22 -13.20 24.02 27.65
C THR F 22 -12.14 22.92 27.81
N GLY F 23 -10.96 23.12 27.22
CA GLY F 23 -9.82 22.19 27.25
C GLY F 23 -8.58 22.77 26.56
N ASP F 24 -7.64 21.93 26.15
CA ASP F 24 -6.39 22.32 25.48
C ASP F 24 -6.49 22.18 23.95
N SER F 25 -5.43 22.50 23.21
CA SER F 25 -5.43 22.53 21.73
C SER F 25 -5.59 21.17 21.03
N ASN F 26 -5.48 20.03 21.73
CA ASN F 26 -5.65 18.72 21.12
C ASN F 26 -6.87 17.95 21.66
N ASN F 27 -7.82 18.65 22.28
CA ASN F 27 -9.04 18.08 22.87
C ASN F 27 -10.18 19.10 22.92
N VAL F 28 -11.44 18.66 23.11
CA VAL F 28 -12.70 19.44 23.22
C VAL F 28 -13.12 20.26 21.99
N GLY F 29 -12.23 21.09 21.43
CA GLY F 29 -12.47 21.95 20.27
C GLY F 29 -11.85 21.41 18.99
N ASN F 30 -10.53 21.46 18.84
CA ASN F 30 -9.83 20.93 17.65
C ASN F 30 -10.04 19.41 17.49
N ARG F 31 -10.14 18.70 18.62
CA ARG F 31 -10.55 17.29 18.73
C ARG F 31 -11.87 17.21 19.49
N GLY F 32 -12.97 17.37 18.74
CA GLY F 32 -14.27 17.78 19.24
C GLY F 32 -14.95 16.80 20.20
N ALA F 33 -15.57 17.37 21.22
CA ALA F 33 -16.37 16.71 22.21
C ALA F 33 -17.79 16.29 21.76
N ALA F 34 -18.28 15.28 22.46
CA ALA F 34 -19.62 14.74 22.43
C ALA F 34 -20.31 15.14 23.77
N TRP F 35 -21.63 15.36 23.77
CA TRP F 35 -22.38 15.68 24.99
C TRP F 35 -23.36 14.60 25.40
N PHE F 36 -23.62 14.53 26.69
CA PHE F 36 -24.39 13.46 27.28
C PHE F 36 -25.41 13.96 28.26
N LEU F 37 -26.39 13.11 28.51
CA LEU F 37 -27.51 13.38 29.43
C LEU F 37 -27.70 12.22 30.44
N LEU F 38 -27.54 12.43 31.75
CA LEU F 38 -27.91 11.46 32.79
C LEU F 38 -28.67 12.11 33.95
N HIS F 39 -29.90 11.66 34.22
CA HIS F 39 -30.63 12.02 35.42
C HIS F 39 -30.84 10.79 36.32
N GLN F 40 -30.85 11.00 37.63
CA GLN F 40 -31.20 9.97 38.61
C GLN F 40 -32.47 9.19 38.22
N GLY F 41 -32.37 7.85 38.16
CA GLY F 41 -33.48 6.93 37.85
C GLY F 41 -33.71 6.68 36.35
N HIS F 42 -32.90 7.28 35.48
CA HIS F 42 -32.99 7.19 34.02
C HIS F 42 -31.65 6.74 33.43
N PRO F 43 -31.66 5.94 32.34
CA PRO F 43 -30.44 5.61 31.62
C PRO F 43 -29.70 6.85 31.05
N PRO F 44 -28.36 6.82 30.98
CA PRO F 44 -27.60 7.89 30.33
C PRO F 44 -27.76 7.82 28.81
N LYS F 45 -27.73 8.96 28.09
CA LYS F 45 -27.70 8.97 26.63
C LYS F 45 -26.82 10.05 25.98
N LEU F 46 -26.38 9.74 24.76
CA LEU F 46 -25.65 10.63 23.87
C LEU F 46 -26.58 11.64 23.21
N LEU F 47 -26.17 12.90 23.26
CA LEU F 47 -26.95 13.99 22.72
C LEU F 47 -26.39 14.44 21.38
N ALA F 48 -25.10 14.74 21.33
CA ALA F 48 -24.47 15.24 20.11
C ALA F 48 -23.01 14.85 20.05
N TYR F 49 -22.47 14.77 18.83
CA TYR F 49 -21.15 14.26 18.49
C TYR F 49 -20.70 14.85 17.14
N ARG F 50 -19.41 14.79 16.81
CA ARG F 50 -18.85 15.19 15.48
C ARG F 50 -19.45 16.50 14.97
N ASN F 51 -18.97 17.64 15.48
CA ASN F 51 -19.57 18.96 15.28
C ASN F 51 -20.95 19.07 15.95
N ASN F 52 -22.08 19.05 15.22
CA ASN F 52 -23.45 19.09 15.78
C ASN F 52 -24.36 17.94 15.30
N ASP F 53 -23.84 16.75 15.03
CA ASP F 53 -24.67 15.59 14.70
C ASP F 53 -25.41 15.06 15.95
N ARG F 54 -26.53 14.34 15.74
CA ARG F 54 -27.47 13.85 16.79
C ARG F 54 -27.89 12.38 16.55
N PRO F 55 -27.98 11.52 17.60
CA PRO F 55 -28.60 10.19 17.49
C PRO F 55 -30.10 10.23 17.14
N SER F 56 -30.59 9.18 16.48
CA SER F 56 -32.02 9.04 16.14
C SER F 56 -32.92 9.16 17.37
N GLY F 57 -33.95 9.99 17.27
CA GLY F 57 -34.86 10.31 18.38
C GLY F 57 -34.52 11.60 19.13
N ILE F 58 -33.37 12.23 18.86
CA ILE F 58 -32.98 13.49 19.49
C ILE F 58 -33.35 14.65 18.58
N SER F 59 -34.18 15.55 19.11
CA SER F 59 -34.88 16.60 18.37
C SER F 59 -34.01 17.76 17.91
N GLU F 60 -34.55 18.59 17.03
CA GLU F 60 -33.88 19.79 16.51
C GLU F 60 -33.70 20.88 17.57
N ARG F 61 -34.27 20.71 18.77
CA ARG F 61 -34.07 21.64 19.89
C ARG F 61 -32.63 21.60 20.40
N LEU F 62 -31.87 20.57 20.02
CA LEU F 62 -30.48 20.45 20.38
C LEU F 62 -29.56 20.92 19.27
N SER F 63 -28.61 21.76 19.64
CA SER F 63 -27.53 22.16 18.75
C SER F 63 -26.22 22.25 19.52
N ALA F 64 -25.16 22.66 18.85
CA ALA F 64 -23.83 22.66 19.40
C ALA F 64 -22.91 23.56 18.61
N SER F 65 -21.78 23.94 19.17
CA SER F 65 -20.74 24.61 18.40
C SER F 65 -19.34 24.27 18.88
N ARG F 66 -18.37 24.41 17.97
CA ARG F 66 -16.92 24.28 18.19
C ARG F 66 -16.21 25.65 18.06
N SER F 67 -16.98 26.75 18.04
CA SER F 67 -16.48 28.09 17.70
C SER F 67 -15.30 28.59 18.52
N GLY F 68 -14.36 29.25 17.85
CA GLY F 68 -13.20 29.94 18.43
C GLY F 68 -12.14 29.00 18.98
N ASN F 69 -12.35 28.49 20.19
CA ASN F 69 -11.50 27.52 20.87
C ASN F 69 -12.23 26.68 21.95
N THR F 70 -13.58 26.65 21.95
CA THR F 70 -14.36 25.88 22.95
C THR F 70 -15.44 25.03 22.29
N ALA F 71 -15.98 24.09 23.06
CA ALA F 71 -17.21 23.42 22.68
C ALA F 71 -18.38 24.00 23.49
N SER F 72 -19.57 23.96 22.92
CA SER F 72 -20.78 24.41 23.60
C SER F 72 -22.00 23.62 23.16
N LEU F 73 -23.03 23.59 23.99
CA LEU F 73 -24.29 22.91 23.74
C LEU F 73 -25.49 23.81 24.06
N THR F 74 -26.46 23.79 23.15
CA THR F 74 -27.61 24.67 23.07
C THR F 74 -28.89 23.86 23.24
N ILE F 75 -29.75 24.22 24.20
CA ILE F 75 -31.05 23.56 24.38
C ILE F 75 -32.18 24.58 24.33
N THR F 76 -32.81 24.68 23.16
CA THR F 76 -33.96 25.56 22.91
C THR F 76 -35.26 24.97 23.40
N GLY F 77 -36.29 25.82 23.59
CA GLY F 77 -37.64 25.41 24.02
C GLY F 77 -37.63 24.54 25.27
N LEU F 78 -36.82 24.97 26.25
CA LEU F 78 -36.38 24.26 27.43
C LEU F 78 -37.52 23.70 28.33
N GLN F 79 -37.52 22.41 28.68
CA GLN F 79 -38.61 21.77 29.45
C GLN F 79 -38.12 21.03 30.71
N PRO F 80 -38.96 20.83 31.75
CA PRO F 80 -38.61 20.04 32.92
C PRO F 80 -38.05 18.65 32.59
N GLU F 81 -38.52 18.02 31.51
CA GLU F 81 -38.01 16.73 31.04
C GLU F 81 -36.56 16.75 30.55
N ASP F 82 -35.96 17.92 30.31
CA ASP F 82 -34.55 18.05 29.91
C ASP F 82 -33.60 18.00 31.11
N GLU F 83 -34.06 18.17 32.35
CA GLU F 83 -33.18 18.25 33.51
C GLU F 83 -32.35 16.96 33.71
N ALA F 84 -31.05 17.12 33.94
CA ALA F 84 -30.06 16.05 34.10
C ALA F 84 -28.66 16.64 34.39
N ASP F 85 -27.68 15.84 34.78
CA ASP F 85 -26.27 16.21 34.68
C ASP F 85 -25.75 16.05 33.24
N TYR F 86 -25.23 17.11 32.61
CA TYR F 86 -24.76 17.09 31.21
C TYR F 86 -23.23 17.12 31.05
N TYR F 87 -22.67 16.10 30.40
CA TYR F 87 -21.21 15.90 30.34
C TYR F 87 -20.60 16.20 28.96
N CYS F 88 -19.39 16.76 28.92
CA CYS F 88 -18.64 17.09 27.70
C CYS F 88 -17.27 16.39 27.59
N SER F 89 -17.12 15.53 26.57
CA SER F 89 -16.02 14.56 26.37
C SER F 89 -14.70 15.11 25.83
N ALA F 90 -13.63 14.34 26.09
CA ALA F 90 -12.34 14.53 25.45
C ALA F 90 -11.61 13.19 25.32
N TRP F 91 -10.63 13.18 24.42
CA TRP F 91 -9.45 12.34 24.52
C TRP F 91 -8.24 13.24 24.29
N ASP F 92 -7.12 13.00 24.97
CA ASP F 92 -5.86 13.61 24.50
C ASP F 92 -4.72 12.57 24.29
N SER F 93 -3.83 12.77 23.30
CA SER F 93 -2.68 11.88 23.05
C SER F 93 -1.63 11.84 24.17
N SER F 94 -1.66 12.78 25.11
CA SER F 94 -0.86 12.78 26.35
C SER F 94 -1.63 12.19 27.54
N LEU F 95 -2.95 11.99 27.38
CA LEU F 95 -3.91 11.52 28.39
C LEU F 95 -4.89 10.55 27.72
N ARG F 96 -4.38 9.38 27.29
CA ARG F 96 -4.94 8.51 26.22
C ARG F 96 -6.18 7.69 26.61
N VAL F 97 -7.21 8.35 27.14
CA VAL F 97 -8.29 7.74 27.94
C VAL F 97 -9.67 8.37 27.66
N GLN F 98 -10.75 7.64 28.00
CA GLN F 98 -12.18 7.99 27.91
C GLN F 98 -12.61 9.20 28.79
N VAL F 99 -11.77 10.22 28.96
CA VAL F 99 -11.98 11.32 29.92
C VAL F 99 -13.04 12.31 29.48
N PHE F 100 -13.40 13.19 30.39
CA PHE F 100 -14.45 14.18 30.21
C PHE F 100 -14.22 15.36 31.16
N GLY F 101 -14.75 16.53 30.82
CA GLY F 101 -14.59 17.79 31.56
C GLY F 101 -14.98 17.71 33.04
N GLY F 102 -16.28 17.51 33.32
CA GLY F 102 -16.80 17.36 34.70
C GLY F 102 -18.32 17.19 34.86
N GLY F 103 -19.13 17.80 34.00
CA GLY F 103 -20.59 17.70 34.05
C GLY F 103 -21.28 18.92 34.64
N THR F 104 -22.20 19.50 33.89
CA THR F 104 -22.97 20.68 34.22
C THR F 104 -24.41 20.27 34.45
N LYS F 105 -24.89 20.44 35.68
CA LYS F 105 -26.29 20.16 36.02
C LYS F 105 -27.16 21.20 35.32
N LEU F 106 -28.24 20.77 34.67
CA LEU F 106 -29.21 21.62 34.00
C LEU F 106 -30.47 21.81 34.83
N THR F 107 -30.80 23.06 35.16
CA THR F 107 -32.00 23.43 35.93
C THR F 107 -33.02 24.20 35.08
N VAL F 108 -34.27 23.75 35.15
CA VAL F 108 -35.44 24.31 34.49
C VAL F 108 -36.43 24.81 35.53
N LEU F 109 -36.54 26.12 35.26
CA LEU F 109 -37.41 26.88 36.14
C LEU F 109 -38.84 26.95 35.59
N GLY F 110 -39.73 26.05 36.04
CA GLY F 110 -41.13 26.01 35.61
C GLY F 110 -42.09 26.77 36.53
N GLN F 111 -41.53 27.49 37.52
CA GLN F 111 -42.21 28.25 38.56
C GLN F 111 -41.26 29.33 39.12
N PRO F 112 -41.75 30.38 39.79
CA PRO F 112 -40.92 31.38 40.46
C PRO F 112 -39.94 30.79 41.50
N LYS F 113 -38.70 31.30 41.48
CA LYS F 113 -37.62 30.92 42.41
C LYS F 113 -37.66 31.76 43.69
N ALA F 114 -37.19 31.19 44.80
CA ALA F 114 -37.10 31.88 46.08
C ALA F 114 -36.08 31.23 47.02
N ALA F 115 -35.52 32.03 47.93
CA ALA F 115 -34.67 31.54 49.00
C ALA F 115 -35.46 30.70 50.01
N PRO F 116 -34.81 29.75 50.70
CA PRO F 116 -35.50 28.88 51.64
C PRO F 116 -35.95 29.57 52.92
N SER F 117 -36.98 29.01 53.53
CA SER F 117 -37.22 29.19 54.96
C SER F 117 -36.34 28.17 55.68
N VAL F 118 -35.51 28.61 56.64
CA VAL F 118 -34.56 27.73 57.33
C VAL F 118 -34.82 27.77 58.83
N THR F 119 -34.91 26.62 59.48
CA THR F 119 -34.98 26.52 60.94
C THR F 119 -33.80 25.69 61.45
N LEU F 120 -33.06 26.25 62.40
CA LEU F 120 -31.88 25.61 62.98
C LEU F 120 -32.24 25.06 64.36
N PHE F 121 -32.09 23.75 64.53
CA PHE F 121 -32.48 22.99 65.71
C PHE F 121 -31.22 22.67 66.52
N PRO F 122 -31.09 23.16 67.76
CA PRO F 122 -29.95 22.86 68.60
C PRO F 122 -29.98 21.40 69.09
N PRO F 123 -28.82 20.86 69.53
CA PRO F 123 -28.76 19.54 70.15
C PRO F 123 -29.74 19.42 71.33
N SER F 124 -30.54 18.35 71.35
CA SER F 124 -31.56 18.17 72.38
C SER F 124 -31.10 17.46 73.66
N SER F 125 -31.97 17.45 74.68
CA SER F 125 -31.73 16.84 75.99
C SER F 125 -31.47 15.33 75.96
N GLU F 126 -32.05 14.58 75.01
CA GLU F 126 -31.76 13.15 74.84
C GLU F 126 -30.33 12.89 74.32
N GLU F 127 -29.81 13.73 73.45
CA GLU F 127 -28.42 13.61 72.97
C GLU F 127 -27.38 13.84 74.06
N LEU F 128 -27.57 14.87 74.89
CA LEU F 128 -26.63 15.18 75.97
C LEU F 128 -26.58 14.11 77.08
N GLN F 129 -27.73 13.51 77.43
CA GLN F 129 -27.81 12.33 78.31
C GLN F 129 -27.14 11.08 77.71
N ALA F 130 -27.11 10.94 76.39
CA ALA F 130 -26.37 9.88 75.67
C ALA F 130 -24.87 10.20 75.44
N ASN F 131 -24.39 11.34 75.93
CA ASN F 131 -23.04 11.87 75.71
C ASN F 131 -22.74 12.14 74.21
N LYS F 132 -23.74 12.68 73.49
CA LYS F 132 -23.73 13.03 72.05
C LYS F 132 -24.28 14.45 71.85
N ALA F 133 -24.00 15.06 70.69
CA ALA F 133 -24.65 16.30 70.27
C ALA F 133 -24.59 16.49 68.75
N THR F 134 -25.72 16.83 68.12
CA THR F 134 -25.79 17.14 66.70
C THR F 134 -26.59 18.42 66.50
N LEU F 135 -26.00 19.38 65.79
CA LEU F 135 -26.68 20.62 65.44
C LEU F 135 -27.29 20.46 64.04
N VAL F 136 -28.62 20.57 63.92
CA VAL F 136 -29.34 20.18 62.69
C VAL F 136 -30.01 21.38 62.02
N CYS F 137 -29.67 21.66 60.77
CA CYS F 137 -30.27 22.73 59.97
C CYS F 137 -31.23 22.14 58.93
N LEU F 138 -32.52 22.44 59.03
CA LEU F 138 -33.53 21.96 58.08
C LEU F 138 -33.98 23.11 57.18
N ILE F 139 -33.70 22.96 55.89
CA ILE F 139 -33.84 23.96 54.83
C ILE F 139 -35.07 23.56 54.00
N SER F 140 -36.10 24.39 53.90
CA SER F 140 -37.36 24.02 53.24
C SER F 140 -37.94 25.16 52.43
N ASP F 141 -38.95 24.90 51.61
CA ASP F 141 -39.62 25.90 50.78
C ASP F 141 -38.70 26.72 49.86
N PHE F 142 -37.77 26.08 49.14
CA PHE F 142 -36.94 26.76 48.16
C PHE F 142 -37.16 26.23 46.74
N TYR F 143 -36.79 27.07 45.78
CA TYR F 143 -36.75 26.72 44.38
C TYR F 143 -35.72 27.59 43.65
N PRO F 144 -34.91 27.04 42.74
CA PRO F 144 -34.83 25.63 42.34
C PRO F 144 -34.14 24.75 43.40
N GLY F 145 -34.08 23.44 43.17
CA GLY F 145 -33.62 22.41 44.11
C GLY F 145 -32.12 22.30 44.30
N ALA F 146 -31.45 23.40 44.67
CA ALA F 146 -30.02 23.42 44.98
C ALA F 146 -29.62 24.64 45.81
N VAL F 147 -28.98 24.39 46.95
CA VAL F 147 -28.45 25.39 47.89
C VAL F 147 -27.02 25.01 48.33
N THR F 148 -26.21 25.99 48.76
CA THR F 148 -24.89 25.73 49.37
C THR F 148 -24.90 26.11 50.85
N VAL F 149 -24.49 25.20 51.73
CA VAL F 149 -24.62 25.36 53.18
C VAL F 149 -23.27 25.35 53.90
N ALA F 150 -22.98 26.39 54.68
CA ALA F 150 -21.79 26.51 55.53
C ALA F 150 -22.15 26.65 57.02
N TRP F 151 -21.26 26.13 57.89
CA TRP F 151 -21.37 26.17 59.34
C TRP F 151 -20.39 27.15 59.97
N LYS F 152 -20.78 27.79 61.07
CA LYS F 152 -19.91 28.67 61.88
C LYS F 152 -20.05 28.39 63.38
N ALA F 153 -18.97 28.60 64.13
CA ALA F 153 -18.94 28.49 65.59
C ALA F 153 -18.34 29.76 66.22
N ASP F 154 -19.11 30.46 67.05
CA ASP F 154 -18.86 31.79 67.66
C ASP F 154 -18.68 32.93 66.61
N SER F 155 -17.67 32.82 65.74
CA SER F 155 -17.42 33.72 64.60
C SER F 155 -16.63 33.05 63.45
N SER F 156 -16.12 31.82 63.63
CA SER F 156 -15.22 31.15 62.66
C SER F 156 -15.95 30.10 61.79
N PRO F 157 -15.59 29.94 60.50
CA PRO F 157 -16.09 28.84 59.66
C PRO F 157 -15.73 27.47 60.25
N VAL F 158 -16.63 26.51 60.12
CA VAL F 158 -16.47 25.13 60.59
C VAL F 158 -16.45 24.15 59.42
N LYS F 159 -15.36 23.38 59.31
CA LYS F 159 -15.16 22.41 58.24
C LYS F 159 -15.21 20.96 58.72
N ALA F 160 -14.78 20.70 59.96
CA ALA F 160 -14.80 19.36 60.55
C ALA F 160 -16.22 18.93 60.97
N GLY F 161 -16.59 17.67 60.79
CA GLY F 161 -17.86 17.08 61.25
C GLY F 161 -19.12 17.51 60.47
N VAL F 162 -18.97 17.91 59.21
CA VAL F 162 -20.04 18.45 58.35
C VAL F 162 -20.52 17.44 57.31
N GLU F 163 -21.83 17.16 57.24
CA GLU F 163 -22.47 16.30 56.23
C GLU F 163 -23.85 16.84 55.80
N THR F 164 -24.30 16.62 54.55
CA THR F 164 -25.57 17.15 54.02
C THR F 164 -26.40 16.11 53.27
N THR F 165 -27.68 16.41 53.02
CA THR F 165 -28.51 15.58 52.12
C THR F 165 -28.86 16.33 50.83
N THR F 166 -29.44 15.61 49.87
CA THR F 166 -30.11 16.16 48.68
C THR F 166 -31.50 16.74 49.07
N PRO F 167 -32.18 17.56 48.23
CA PRO F 167 -33.56 17.97 48.48
C PRO F 167 -34.62 16.91 48.10
N SER F 168 -35.78 16.91 48.76
CA SER F 168 -37.02 16.22 48.35
C SER F 168 -38.12 17.21 47.98
N LYS F 169 -39.15 16.72 47.26
CA LYS F 169 -40.30 17.51 46.84
C LYS F 169 -41.36 17.58 47.95
N GLN F 170 -41.83 18.78 48.23
CA GLN F 170 -42.89 19.05 49.20
C GLN F 170 -44.28 18.91 48.56
N SER F 171 -45.33 18.70 49.34
CA SER F 171 -46.70 18.55 48.81
C SER F 171 -47.20 19.84 48.16
N ASN F 172 -46.56 20.98 48.43
CA ASN F 172 -46.86 22.29 47.84
C ASN F 172 -45.89 22.68 46.69
N ASN F 173 -45.20 21.71 46.11
CA ASN F 173 -44.25 21.83 44.99
C ASN F 173 -42.92 22.58 45.23
N LYS F 174 -42.45 22.80 46.46
CA LYS F 174 -41.11 23.39 46.73
C LYS F 174 -40.10 22.33 47.19
N TYR F 175 -38.81 22.66 47.29
CA TYR F 175 -37.78 21.73 47.76
C TYR F 175 -37.44 21.89 49.25
N ALA F 176 -36.99 20.79 49.87
CA ALA F 176 -36.40 20.79 51.21
C ALA F 176 -35.23 19.81 51.37
N ALA F 177 -34.14 20.22 52.02
CA ALA F 177 -32.90 19.45 52.23
C ALA F 177 -32.35 19.69 53.65
N SER F 178 -31.51 18.79 54.16
CA SER F 178 -30.93 18.99 55.49
C SER F 178 -29.40 19.02 55.49
N SER F 179 -28.87 19.62 56.56
CA SER F 179 -27.44 19.70 56.88
C SER F 179 -27.22 19.50 58.38
N TYR F 180 -26.18 18.73 58.71
CA TYR F 180 -25.85 18.28 60.05
C TYR F 180 -24.39 18.65 60.41
N LEU F 181 -24.17 19.09 61.64
CA LEU F 181 -22.85 19.31 62.23
C LEU F 181 -22.68 18.43 63.49
N SER F 182 -21.65 17.57 63.48
CA SER F 182 -21.36 16.61 64.57
C SER F 182 -20.51 17.24 65.69
N LEU F 183 -21.06 17.32 66.91
CA LEU F 183 -20.42 17.94 68.09
C LEU F 183 -20.39 16.98 69.29
N THR F 184 -19.40 17.11 70.18
CA THR F 184 -19.45 16.50 71.53
C THR F 184 -20.25 17.39 72.50
N PRO F 185 -20.76 16.88 73.63
CA PRO F 185 -21.39 17.71 74.66
C PRO F 185 -20.49 18.87 75.12
N GLU F 186 -19.18 18.66 75.21
CA GLU F 186 -18.22 19.70 75.59
C GLU F 186 -18.08 20.77 74.49
N GLN F 187 -18.04 20.39 73.20
CA GLN F 187 -17.98 21.35 72.09
C GLN F 187 -19.25 22.21 71.99
N TRP F 188 -20.44 21.63 72.19
CA TRP F 188 -21.68 22.42 72.21
C TRP F 188 -21.66 23.41 73.39
N LYS F 189 -21.45 22.93 74.62
CA LYS F 189 -21.49 23.73 75.85
C LYS F 189 -20.38 24.80 75.97
N SER F 190 -19.18 24.60 75.44
CA SER F 190 -18.07 25.58 75.53
C SER F 190 -18.20 26.80 74.62
N HIS F 191 -19.15 26.81 73.66
CA HIS F 191 -19.34 27.93 72.72
C HIS F 191 -20.47 28.88 73.15
N LYS F 192 -20.40 30.14 72.73
CA LYS F 192 -21.47 31.14 72.96
C LYS F 192 -22.54 31.08 71.88
N SER F 193 -22.21 30.73 70.63
CA SER F 193 -23.17 30.60 69.53
C SER F 193 -22.69 29.73 68.38
N TYR F 194 -23.65 29.20 67.60
CA TYR F 194 -23.44 28.51 66.34
C TYR F 194 -24.45 29.02 65.29
N SER F 195 -24.14 28.91 64.00
CA SER F 195 -25.09 29.22 62.92
C SER F 195 -24.93 28.39 61.64
N CYS F 196 -26.00 28.35 60.86
CA CYS F 196 -26.13 27.72 59.55
C CYS F 196 -26.34 28.81 58.49
N GLN F 197 -25.43 28.95 57.54
CA GLN F 197 -25.51 29.89 56.43
C GLN F 197 -25.84 29.19 55.12
N VAL F 198 -27.02 29.44 54.56
CA VAL F 198 -27.58 28.79 53.37
C VAL F 198 -27.62 29.78 52.20
N THR F 199 -26.68 29.66 51.27
CA THR F 199 -26.59 30.54 50.09
C THR F 199 -27.50 30.02 48.97
N HIS F 200 -28.35 30.90 48.44
CA HIS F 200 -29.32 30.61 47.36
C HIS F 200 -29.37 31.78 46.38
N GLU F 201 -29.10 31.52 45.11
CA GLU F 201 -29.09 32.57 44.07
C GLU F 201 -28.18 33.75 44.48
N GLY F 202 -28.74 34.93 44.75
CA GLY F 202 -27.98 36.13 45.08
C GLY F 202 -28.02 36.54 46.56
N SER F 203 -28.51 35.66 47.45
CA SER F 203 -28.67 35.95 48.88
C SER F 203 -28.31 34.74 49.76
N THR F 204 -28.07 34.99 51.05
CA THR F 204 -27.82 33.95 52.04
C THR F 204 -28.78 34.11 53.22
N VAL F 205 -29.37 32.99 53.66
CA VAL F 205 -30.27 32.86 54.82
C VAL F 205 -29.51 32.25 55.98
N GLU F 206 -29.31 32.98 57.08
CA GLU F 206 -28.56 32.49 58.25
C GLU F 206 -29.44 32.38 59.50
N LYS F 207 -29.39 31.24 60.19
CA LYS F 207 -30.11 30.97 61.46
C LYS F 207 -29.12 30.69 62.59
N THR F 208 -29.43 31.08 63.83
CA THR F 208 -28.51 30.98 64.99
C THR F 208 -29.10 30.23 66.19
N VAL F 209 -28.24 29.59 66.98
CA VAL F 209 -28.54 28.97 68.29
C VAL F 209 -27.52 29.40 69.34
N ALA F 210 -27.91 29.36 70.61
CA ALA F 210 -27.09 29.75 71.76
C ALA F 210 -26.97 28.60 72.79
N PRO F 211 -25.83 27.88 72.87
CA PRO F 211 -25.63 26.80 73.84
C PRO F 211 -25.75 27.22 75.32
N THR F 212 -25.65 28.52 75.59
CA THR F 212 -25.70 29.12 76.93
C THR F 212 -27.08 29.58 77.39
N GLU F 213 -28.11 29.48 76.55
CA GLU F 213 -29.45 30.04 76.82
C GLU F 213 -30.55 28.97 77.04
N CYS F 214 -31.77 29.40 77.37
CA CYS F 214 -32.96 28.55 77.52
C CYS F 214 -34.24 29.35 77.22
N SER F 215 -35.38 28.66 77.08
CA SER F 215 -36.70 29.24 76.76
C SER F 215 -37.75 28.90 77.82
#